data_5IFS
#
_entry.id   5IFS
#
_cell.length_a   69.844
_cell.length_b   132.914
_cell.length_c   96.121
_cell.angle_alpha   90.00
_cell.angle_beta   110.15
_cell.angle_gamma   90.00
#
_symmetry.space_group_name_H-M   'P 1 21 1'
#
loop_
_entity.id
_entity.type
_entity.pdbx_description
1 polymer 'Tether containing UBX domain for GLUT4'
2 polymer 'Transitional endoplasmic reticulum ATPase'
3 non-polymer "ADENOSINE-5'-DIPHOSPHATE"
4 non-polymer 'MAGNESIUM ION'
5 non-polymer 'SULFATE ION'
6 non-polymer 1,2-ETHANEDIOL
7 non-polymer GLYCEROL
8 water water
#
loop_
_entity_poly.entity_id
_entity_poly.type
_entity_poly.pdbx_seq_one_letter_code
_entity_poly.pdbx_strand_id
1 'polypeptide(L)'
;PVDREPVVCHPDLEERLQAWPAELPDEFFELTVDDVRRRLAQLKSERKRLEEAPLVTKAFREAQIKEKLERYPKVALRVL
FPDRYVLQGFFRPSETVGDLRDFVRSHLGNPELSFYLFITPPKTVLDDHTQTLFQANLFPAALVHLGAEEPAGVYLEPGL
LEHAISPSAADVLVARYMSRAAGSPSPLPAPDPAPKSEPAAEEGALVPPEPIPGTAQPVKRSLGKVPKWLKLPASKR
;
A,C
2 'polypeptide(L)'
;MASGADSKGDDLSTAILKQKNRPNRLIVDEAINEDNSVVSLSQPKMDELQLFRGDTVLLKGKKRREAVCIVLSDDTCSDE
KIRMNRVVRNNLRVRLGDVISIQPCPDVKYGKRIHVLPIDDTVEGITGNLFEVYLKPYFLEAYRPIRKGDIFLVRGGMRA
VEFKVVETDPSPYCIVAPDTVIHCEGEPIKREDEEESLNEVGYDDIGGCRKQLAQIKEMVELPLRHPALFKAIGVKPPRG
ILLYGPPGTGKTLIARAVANETGAFFFLINGPEIMSKLAGESESNLRKAFEEAEKNAPAIIFIDELDAIAPKREKTHGEV
ERRIVSQLLTLMDGLKQRAHVIVMAATNRPNSIDPALRRFGRFDREVDIGIPDATGRLEILQIHTKNMKLADDVDLEQVA
NETHGHVGADLAALCSEAALQAIRKKMDLIDLEDETIDAEVMNSLAVTMDDFRWALSQSNPSALRETVVEVPQVTWEDIG
G
;
B,D
#
# COMPACT_ATOMS: atom_id res chain seq x y z
N PRO A 1 29.88 -27.26 11.40
CA PRO A 1 29.74 -25.92 10.79
C PRO A 1 29.71 -24.80 11.84
N VAL A 2 28.66 -24.78 12.66
CA VAL A 2 28.60 -23.88 13.82
C VAL A 2 28.86 -24.66 15.11
N ASP A 3 29.80 -24.16 15.91
CA ASP A 3 30.04 -24.70 17.25
C ASP A 3 28.90 -24.26 18.16
N ARG A 4 28.09 -25.21 18.61
CA ARG A 4 26.94 -24.92 19.48
C ARG A 4 27.42 -24.47 20.85
N GLU A 5 28.55 -25.04 21.29
CA GLU A 5 29.18 -24.70 22.58
C GLU A 5 28.15 -24.75 23.71
N PRO A 6 27.43 -25.88 23.84
CA PRO A 6 26.28 -25.93 24.75
C PRO A 6 26.66 -25.79 26.21
N VAL A 7 25.84 -25.03 26.95
CA VAL A 7 25.98 -24.90 28.40
C VAL A 7 24.62 -24.87 29.07
N VAL A 8 24.59 -25.22 30.36
CA VAL A 8 23.40 -25.17 31.19
C VAL A 8 23.65 -24.25 32.37
N CYS A 9 22.62 -23.49 32.76
CA CYS A 9 22.68 -22.68 33.97
C CYS A 9 21.36 -22.70 34.75
N HIS A 10 21.44 -22.35 36.03
CA HIS A 10 20.26 -22.28 36.89
C HIS A 10 20.35 -21.04 37.79
N PRO A 11 19.24 -20.28 37.91
CA PRO A 11 19.23 -19.07 38.74
C PRO A 11 19.71 -19.31 40.17
N ASP A 12 19.53 -20.52 40.66
CA ASP A 12 19.94 -20.87 42.01
C ASP A 12 21.46 -20.96 42.17
N LEU A 13 22.20 -20.67 41.10
CA LEU A 13 23.66 -20.70 41.14
C LEU A 13 24.30 -19.29 41.14
N GLU A 14 23.48 -18.24 41.18
CA GLU A 14 23.99 -16.88 41.39
C GLU A 14 24.45 -16.68 42.83
N GLU A 15 25.36 -15.73 43.04
CA GLU A 15 26.08 -15.65 44.31
C GLU A 15 25.30 -15.01 45.47
N ARG A 16 24.50 -13.99 45.17
CA ARG A 16 23.65 -13.29 46.16
C ARG A 16 24.32 -12.59 47.37
N LEU A 17 25.57 -12.15 47.21
CA LEU A 17 26.31 -11.48 48.31
C LEU A 17 26.76 -10.04 47.98
N GLN A 18 27.00 -9.77 46.71
CA GLN A 18 27.49 -8.48 46.24
C GLN A 18 26.44 -7.36 46.35
N ALA A 19 26.90 -6.11 46.37
CA ALA A 19 26.03 -4.94 46.55
C ALA A 19 25.04 -4.72 45.39
N TRP A 20 23.97 -3.99 45.67
CA TRP A 20 23.03 -3.54 44.66
C TRP A 20 23.65 -2.41 43.83
N PRO A 21 23.22 -2.26 42.57
CA PRO A 21 23.62 -1.07 41.80
C PRO A 21 23.27 0.20 42.57
N ALA A 22 24.12 1.21 42.48
CA ALA A 22 23.88 2.49 43.16
C ALA A 22 22.53 3.06 42.76
N GLU A 23 21.86 3.67 43.74
CA GLU A 23 20.60 4.35 43.51
C GLU A 23 20.81 5.56 42.60
N LEU A 24 19.87 5.83 41.69
CA LEU A 24 19.97 6.97 40.78
C LEU A 24 19.63 8.29 41.47
N PRO A 25 20.31 9.39 41.08
CA PRO A 25 19.95 10.70 41.63
C PRO A 25 18.63 11.22 41.05
N ASP A 26 17.99 12.13 41.76
CA ASP A 26 16.75 12.76 41.28
C ASP A 26 16.89 13.45 39.92
N GLU A 27 18.10 13.95 39.63
CA GLU A 27 18.37 14.66 38.38
C GLU A 27 18.27 13.77 37.15
N PHE A 28 18.65 12.51 37.31
CA PHE A 28 18.50 11.47 36.28
C PHE A 28 17.12 11.56 35.62
N PHE A 29 16.08 11.62 36.44
CA PHE A 29 14.70 11.62 35.97
C PHE A 29 14.22 12.99 35.51
N GLU A 30 15.08 14.00 35.61
CA GLU A 30 14.70 15.36 35.29
C GLU A 30 14.97 15.67 33.84
N LEU A 31 13.95 16.13 33.13
CA LEU A 31 14.05 16.40 31.71
C LEU A 31 14.78 17.71 31.41
N THR A 32 15.65 17.67 30.40
CA THR A 32 16.42 18.85 30.01
C THR A 32 15.90 19.45 28.71
N VAL A 33 16.38 20.66 28.44
CA VAL A 33 16.16 21.34 27.17
C VAL A 33 16.56 20.42 26.02
N ASP A 34 17.69 19.73 26.18
CA ASP A 34 18.17 18.81 25.15
C ASP A 34 17.19 17.66 24.88
N ASP A 35 16.61 17.08 25.94
CA ASP A 35 15.59 16.05 25.79
C ASP A 35 14.39 16.57 24.99
N VAL A 36 13.92 17.76 25.36
CA VAL A 36 12.79 18.39 24.69
C VAL A 36 13.10 18.68 23.22
N ARG A 37 14.31 19.16 22.93
CA ARG A 37 14.72 19.40 21.55
C ARG A 37 14.68 18.12 20.71
N ARG A 38 15.15 17.02 21.28
CA ARG A 38 15.17 15.75 20.58
C ARG A 38 13.76 15.21 20.33
N ARG A 39 12.89 15.31 21.34
CA ARG A 39 11.50 14.91 21.21
C ARG A 39 10.80 15.72 20.09
N LEU A 40 10.94 17.04 20.14
CA LEU A 40 10.39 17.90 19.10
C LEU A 40 10.87 17.47 17.73
N ALA A 41 12.17 17.20 17.62
CA ALA A 41 12.79 16.81 16.38
C ALA A 41 12.17 15.53 15.83
N GLN A 42 11.89 14.59 16.72
CA GLN A 42 11.25 13.32 16.38
C GLN A 42 9.80 13.53 15.95
N LEU A 43 9.09 14.44 16.62
CA LEU A 43 7.72 14.77 16.26
C LEU A 43 7.67 15.43 14.88
N LYS A 44 8.65 16.30 14.63
CA LYS A 44 8.72 17.03 13.37
C LYS A 44 8.92 16.06 12.21
N SER A 45 9.85 15.12 12.35
CA SER A 45 10.18 14.25 11.23
C SER A 45 9.14 13.12 11.04
N GLU A 46 8.44 12.77 12.10
CA GLU A 46 7.31 11.86 11.99
C GLU A 46 6.12 12.52 11.28
N ARG A 47 5.88 13.80 11.58
CA ARG A 47 4.87 14.59 10.86
C ARG A 47 5.20 14.65 9.37
N LYS A 48 6.43 15.01 9.04
CA LYS A 48 6.90 15.09 7.66
C LYS A 48 6.66 13.76 6.95
N ARG A 49 7.18 12.69 7.54
CA ARG A 49 7.06 11.35 6.96
C ARG A 49 5.60 11.04 6.61
N LEU A 50 4.68 11.35 7.52
CA LEU A 50 3.27 11.05 7.31
C LEU A 50 2.61 11.96 6.27
N GLU A 51 3.13 13.16 6.10
CA GLU A 51 2.59 14.07 5.09
C GLU A 51 3.05 13.66 3.70
N GLU A 52 4.35 13.36 3.58
CA GLU A 52 4.96 13.00 2.31
C GLU A 52 4.56 11.59 1.88
N ALA A 53 4.35 10.72 2.85
CA ALA A 53 3.99 9.31 2.59
C ALA A 53 4.93 8.68 1.56
N PRO A 54 6.22 8.59 1.89
CA PRO A 54 7.17 8.01 0.93
C PRO A 54 6.92 6.52 0.72
N LEU A 55 7.52 5.96 -0.32
CA LEU A 55 7.50 4.53 -0.55
C LEU A 55 8.49 3.88 0.41
N VAL A 56 8.17 2.66 0.84
CA VAL A 56 9.18 1.80 1.42
C VAL A 56 9.77 1.03 0.25
N THR A 57 10.97 1.40 -0.15
CA THR A 57 11.57 0.90 -1.39
C THR A 57 12.14 -0.51 -1.26
N LYS A 58 12.15 -1.25 -2.38
CA LYS A 58 12.75 -2.59 -2.44
C LYS A 58 14.19 -2.56 -1.98
N ALA A 59 14.96 -1.61 -2.52
CA ALA A 59 16.36 -1.43 -2.16
C ALA A 59 16.52 -1.25 -0.64
N PHE A 60 15.65 -0.46 -0.03
CA PHE A 60 15.68 -0.27 1.42
C PHE A 60 15.43 -1.57 2.17
N ARG A 61 14.41 -2.33 1.75
CA ARG A 61 14.08 -3.58 2.43
C ARG A 61 15.25 -4.56 2.35
N GLU A 62 15.85 -4.67 1.17
CA GLU A 62 16.96 -5.59 0.93
C GLU A 62 18.22 -5.20 1.69
N ALA A 63 18.51 -3.90 1.75
CA ALA A 63 19.65 -3.39 2.51
C ALA A 63 19.48 -3.60 4.02
N GLN A 64 18.26 -3.43 4.51
CA GLN A 64 17.95 -3.67 5.92
C GLN A 64 18.21 -5.11 6.34
N ILE A 65 17.76 -6.06 5.51
CA ILE A 65 18.02 -7.47 5.73
C ILE A 65 19.51 -7.76 5.66
N LYS A 66 20.16 -7.24 4.62
CA LYS A 66 21.57 -7.49 4.38
C LYS A 66 22.44 -6.99 5.53
N GLU A 67 22.15 -5.78 6.00
CA GLU A 67 22.87 -5.18 7.14
C GLU A 67 22.70 -5.98 8.43
N LYS A 68 21.48 -6.44 8.69
CA LYS A 68 21.21 -7.23 9.89
C LYS A 68 21.94 -8.56 9.91
N LEU A 69 22.01 -9.22 8.76
CA LEU A 69 22.69 -10.51 8.64
C LEU A 69 24.20 -10.36 8.72
N GLU A 70 24.72 -9.22 8.27
CA GLU A 70 26.13 -8.92 8.40
C GLU A 70 26.47 -8.49 9.81
N ARG A 71 25.58 -7.72 10.43
CA ARG A 71 25.80 -7.21 11.78
C ARG A 71 25.69 -8.32 12.82
N TYR A 72 24.82 -9.28 12.59
CA TYR A 72 24.65 -10.39 13.53
C TYR A 72 24.80 -11.76 12.85
N PRO A 73 26.04 -12.15 12.51
CA PRO A 73 26.26 -13.45 11.88
C PRO A 73 26.11 -14.62 12.85
N LYS A 74 26.09 -14.33 14.15
CA LYS A 74 25.92 -15.38 15.13
C LYS A 74 24.79 -15.12 16.11
N VAL A 75 24.06 -16.18 16.43
CA VAL A 75 22.88 -16.12 17.26
C VAL A 75 23.06 -16.93 18.55
N ALA A 76 22.80 -16.29 19.68
CA ALA A 76 22.70 -16.99 20.96
C ALA A 76 21.24 -17.28 21.30
N LEU A 77 20.95 -18.56 21.50
CA LEU A 77 19.63 -19.01 21.93
C LEU A 77 19.71 -19.61 23.33
N ARG A 78 18.62 -19.41 24.09
CA ARG A 78 18.48 -19.98 25.42
C ARG A 78 17.13 -20.67 25.50
N VAL A 79 17.14 -21.93 25.89
CA VAL A 79 15.88 -22.68 26.03
C VAL A 79 15.66 -22.90 27.51
N LEU A 80 14.51 -22.43 27.97
CA LEU A 80 14.16 -22.43 29.38
C LEU A 80 13.18 -23.56 29.70
N PHE A 81 13.58 -24.40 30.64
CA PHE A 81 12.82 -25.57 31.03
C PHE A 81 11.87 -25.26 32.19
N PRO A 82 10.75 -26.02 32.32
CA PRO A 82 9.81 -25.86 33.42
C PRO A 82 10.44 -25.81 34.82
N ASP A 83 11.52 -26.56 35.01
CA ASP A 83 12.23 -26.57 36.30
C ASP A 83 13.22 -25.41 36.48
N ARG A 84 13.26 -24.51 35.48
CA ARG A 84 14.10 -23.29 35.48
C ARG A 84 15.55 -23.48 35.00
N TYR A 85 15.91 -24.70 34.65
CA TYR A 85 17.18 -24.93 33.99
C TYR A 85 17.14 -24.30 32.59
N VAL A 86 18.27 -23.72 32.18
CA VAL A 86 18.39 -23.11 30.86
C VAL A 86 19.48 -23.80 30.07
N LEU A 87 19.17 -24.20 28.84
CA LEU A 87 20.17 -24.69 27.91
C LEU A 87 20.51 -23.59 26.89
N GLN A 88 21.80 -23.31 26.74
CA GLN A 88 22.28 -22.23 25.87
C GLN A 88 23.11 -22.78 24.72
N GLY A 89 22.92 -22.24 23.52
CA GLY A 89 23.60 -22.71 22.33
C GLY A 89 23.78 -21.65 21.26
N PHE A 90 24.80 -21.81 20.44
CA PHE A 90 25.09 -20.85 19.40
C PHE A 90 24.68 -21.38 18.03
N PHE A 91 24.07 -20.50 17.24
CA PHE A 91 23.48 -20.86 15.97
C PHE A 91 23.82 -19.81 14.93
N ARG A 92 23.50 -20.11 13.68
CA ARG A 92 23.54 -19.13 12.60
C ARG A 92 22.12 -18.60 12.41
N PRO A 93 21.98 -17.38 11.89
CA PRO A 93 20.66 -16.80 11.65
C PRO A 93 19.88 -17.60 10.61
N SER A 94 20.60 -18.24 9.69
CA SER A 94 20.00 -18.95 8.56
C SER A 94 19.56 -20.37 8.94
N GLU A 95 20.01 -20.86 10.09
CA GLU A 95 19.52 -22.14 10.62
C GLU A 95 18.04 -22.03 11.04
N THR A 96 17.45 -23.16 11.42
CA THR A 96 15.99 -23.25 11.53
C THR A 96 15.52 -23.63 12.93
N VAL A 97 14.22 -23.44 13.17
CA VAL A 97 13.55 -23.96 14.38
C VAL A 97 13.84 -25.47 14.52
N GLY A 98 13.84 -26.17 13.39
CA GLY A 98 14.13 -27.61 13.34
C GLY A 98 15.49 -27.92 13.93
N ASP A 99 16.50 -27.14 13.52
CA ASP A 99 17.84 -27.22 14.12
C ASP A 99 17.83 -26.99 15.62
N LEU A 100 17.03 -26.03 16.07
CA LEU A 100 16.89 -25.75 17.49
C LEU A 100 16.31 -26.97 18.20
N ARG A 101 15.25 -27.53 17.63
CA ARG A 101 14.60 -28.71 18.22
C ARG A 101 15.56 -29.90 18.32
N ASP A 102 16.33 -30.11 17.26
CA ASP A 102 17.38 -31.15 17.24
C ASP A 102 18.39 -30.94 18.37
N PHE A 103 18.88 -29.71 18.48
CA PHE A 103 19.78 -29.31 19.58
C PHE A 103 19.19 -29.67 20.94
N VAL A 104 17.93 -29.30 21.17
CA VAL A 104 17.26 -29.59 22.44
C VAL A 104 17.16 -31.11 22.64
N ARG A 105 16.75 -31.81 21.58
CA ARG A 105 16.64 -33.27 21.60
C ARG A 105 17.98 -33.94 21.95
N SER A 106 19.07 -33.45 21.38
CA SER A 106 20.41 -33.94 21.70
C SER A 106 20.76 -33.96 23.19
N HIS A 107 20.14 -33.06 23.96
CA HIS A 107 20.52 -32.88 25.36
C HIS A 107 19.45 -33.29 26.34
N LEU A 108 18.38 -33.91 25.82
CA LEU A 108 17.32 -34.41 26.68
C LEU A 108 17.69 -35.76 27.31
N GLY A 109 17.19 -35.98 28.53
CA GLY A 109 17.35 -37.25 29.24
C GLY A 109 16.63 -38.40 28.58
N ASN A 110 15.38 -38.15 28.13
CA ASN A 110 14.61 -39.12 27.35
C ASN A 110 14.39 -38.61 25.93
N PRO A 111 15.34 -38.90 25.01
CA PRO A 111 15.30 -38.38 23.63
C PRO A 111 14.00 -38.69 22.89
N GLU A 112 13.22 -39.63 23.42
CA GLU A 112 11.99 -40.07 22.77
C GLU A 112 10.80 -39.17 23.09
N LEU A 113 10.79 -38.55 24.27
CA LEU A 113 9.62 -37.80 24.73
C LEU A 113 9.31 -36.55 23.91
N SER A 114 8.02 -36.18 23.91
CA SER A 114 7.49 -35.13 23.06
C SER A 114 7.49 -33.78 23.76
N PHE A 115 7.93 -32.74 23.04
CA PHE A 115 7.99 -31.38 23.58
C PHE A 115 7.64 -30.35 22.52
N TYR A 116 7.17 -29.19 22.95
CA TYR A 116 6.97 -28.05 22.05
C TYR A 116 7.80 -26.85 22.51
N LEU A 117 8.12 -25.97 21.56
CA LEU A 117 8.89 -24.76 21.83
C LEU A 117 8.05 -23.53 21.55
N PHE A 118 8.14 -22.54 22.44
CA PHE A 118 7.32 -21.32 22.30
C PHE A 118 7.99 -20.04 22.82
N ILE A 119 7.47 -18.90 22.41
CA ILE A 119 7.86 -17.60 22.93
C ILE A 119 6.68 -16.92 23.64
N THR A 120 6.99 -16.05 24.61
CA THR A 120 5.98 -15.42 25.46
C THR A 120 6.46 -14.04 25.86
N PRO A 121 5.53 -13.12 26.15
CA PRO A 121 4.07 -13.28 26.04
C PRO A 121 3.51 -12.59 24.81
N PRO A 122 2.29 -12.99 24.35
CA PRO A 122 1.55 -14.16 24.81
C PRO A 122 2.18 -15.44 24.25
N LYS A 123 1.76 -16.59 24.76
CA LYS A 123 2.22 -17.88 24.28
C LYS A 123 2.07 -18.02 22.77
N THR A 124 3.19 -18.27 22.10
CA THR A 124 3.23 -18.36 20.65
C THR A 124 4.12 -19.54 20.28
N VAL A 125 3.49 -20.64 19.87
CA VAL A 125 4.20 -21.89 19.62
C VAL A 125 4.99 -21.82 18.32
N LEU A 126 6.20 -22.37 18.35
CA LEU A 126 7.04 -22.46 17.17
C LEU A 126 6.76 -23.81 16.51
N ASP A 127 5.78 -23.80 15.60
CA ASP A 127 5.27 -25.02 14.96
CA ASP A 127 5.25 -25.01 14.96
C ASP A 127 5.83 -25.25 13.57
N ASP A 128 6.42 -24.22 12.99
CA ASP A 128 7.01 -24.29 11.66
C ASP A 128 8.50 -24.60 11.77
N HIS A 129 8.84 -25.88 11.66
CA HIS A 129 10.22 -26.33 11.81
C HIS A 129 11.13 -25.85 10.68
N THR A 130 10.53 -25.34 9.61
CA THR A 130 11.28 -24.90 8.43
C THR A 130 11.65 -23.42 8.49
N GLN A 131 10.95 -22.68 9.35
CA GLN A 131 11.23 -21.27 9.56
C GLN A 131 12.67 -21.07 10.08
N THR A 132 13.40 -20.16 9.46
CA THR A 132 14.73 -19.80 9.93
C THR A 132 14.64 -18.90 11.17
N LEU A 133 15.66 -18.99 12.03
CA LEU A 133 15.72 -18.20 13.26
C LEU A 133 15.58 -16.70 13.01
N PHE A 134 16.11 -16.23 11.88
CA PHE A 134 15.95 -14.85 11.48
C PHE A 134 14.47 -14.50 11.25
N GLN A 135 13.77 -15.35 10.50
CA GLN A 135 12.35 -15.15 10.18
C GLN A 135 11.48 -15.16 11.43
N ALA A 136 11.84 -16.03 12.37
CA ALA A 136 11.07 -16.20 13.62
C ALA A 136 11.40 -15.14 14.67
N ASN A 137 12.30 -14.22 14.32
CA ASN A 137 12.86 -13.22 15.23
C ASN A 137 13.51 -13.82 16.49
N LEU A 138 14.15 -14.98 16.32
CA LEU A 138 14.96 -15.57 17.38
C LEU A 138 16.39 -15.18 17.07
N PHE A 139 16.71 -13.92 17.34
CA PHE A 139 17.78 -13.24 16.66
C PHE A 139 17.90 -11.82 17.22
N PRO A 140 19.13 -11.35 17.52
CA PRO A 140 20.43 -12.05 17.52
C PRO A 140 20.67 -12.86 18.80
N ALA A 141 19.92 -12.54 19.85
CA ALA A 141 19.90 -13.33 21.07
C ALA A 141 18.45 -13.45 21.51
N ALA A 142 17.97 -14.67 21.68
CA ALA A 142 16.56 -14.84 22.02
C ALA A 142 16.34 -15.93 23.04
N LEU A 143 15.27 -15.77 23.79
CA LEU A 143 14.91 -16.67 24.87
C LEU A 143 13.65 -17.43 24.49
N VAL A 144 13.71 -18.75 24.62
CA VAL A 144 12.63 -19.64 24.21
C VAL A 144 12.25 -20.51 25.39
N HIS A 145 10.95 -20.76 25.55
CA HIS A 145 10.44 -21.65 26.59
C HIS A 145 10.16 -23.04 26.04
N LEU A 146 10.29 -24.06 26.90
CA LEU A 146 9.95 -25.43 26.54
C LEU A 146 8.76 -25.96 27.35
N GLY A 147 7.87 -26.68 26.66
CA GLY A 147 6.73 -27.32 27.27
C GLY A 147 6.57 -28.76 26.78
N ALA A 148 5.99 -29.59 27.65
CA ALA A 148 5.73 -30.99 27.33
C ALA A 148 4.29 -31.36 27.68
N GLU A 149 3.67 -32.16 26.81
CA GLU A 149 2.27 -32.61 26.98
C GLU A 149 2.06 -33.35 28.30
N GLU A 150 3.00 -34.24 28.64
CA GLU A 150 3.03 -34.89 29.95
C GLU A 150 4.28 -34.46 30.72
N PRO A 151 4.15 -33.44 31.59
CA PRO A 151 5.30 -32.90 32.31
C PRO A 151 5.90 -33.88 33.32
N ALA A 152 6.67 -34.84 32.82
CA ALA A 152 7.47 -35.72 33.67
C ALA A 152 8.82 -35.05 33.88
N GLY A 153 9.08 -34.67 35.13
CA GLY A 153 10.23 -33.82 35.49
C GLY A 153 11.61 -34.44 35.43
N VAL A 154 12.06 -34.77 34.22
CA VAL A 154 13.44 -35.20 33.97
C VAL A 154 14.08 -34.21 32.99
N TYR A 155 13.51 -34.14 31.78
CA TYR A 155 13.95 -33.23 30.72
C TYR A 155 15.43 -33.32 30.35
N LEU A 156 16.30 -32.57 31.02
CA LEU A 156 17.73 -32.49 30.64
C LEU A 156 18.55 -33.70 31.07
N GLU A 157 19.55 -34.04 30.27
CA GLU A 157 20.50 -35.11 30.58
C GLU A 157 21.25 -34.78 31.87
N PRO A 158 21.06 -35.60 32.92
CA PRO A 158 21.55 -35.34 34.28
C PRO A 158 23.07 -35.14 34.42
N GLY A 159 23.84 -35.65 33.47
CA GLY A 159 25.29 -35.44 33.44
C GLY A 159 25.67 -33.99 33.18
N LEU A 160 24.85 -33.31 32.39
CA LEU A 160 25.06 -31.89 32.10
C LEU A 160 24.72 -31.01 33.30
N LEU A 161 23.71 -31.41 34.06
CA LEU A 161 23.26 -30.65 35.23
C LEU A 161 24.33 -30.59 36.31
N GLU A 162 25.26 -31.55 36.26
CA GLU A 162 26.42 -31.56 37.15
C GLU A 162 27.34 -30.38 36.87
N HIS A 163 27.36 -29.94 35.61
CA HIS A 163 28.28 -28.89 35.16
C HIS A 163 27.54 -27.56 34.91
N ALA A 164 26.39 -27.39 35.55
CA ALA A 164 25.62 -26.16 35.42
C ALA A 164 26.41 -24.96 35.97
N ILE A 165 26.26 -23.81 35.33
CA ILE A 165 27.01 -22.61 35.72
C ILE A 165 26.05 -21.49 36.14
N SER A 166 26.59 -20.41 36.68
CA SER A 166 25.75 -19.28 37.07
C SER A 166 25.18 -18.55 35.83
N PRO A 167 24.00 -17.93 35.96
CA PRO A 167 23.46 -17.13 34.86
C PRO A 167 24.41 -16.06 34.36
N SER A 168 25.12 -15.39 35.28
CA SER A 168 26.03 -14.34 34.85
C SER A 168 27.33 -14.88 34.24
N ALA A 169 27.72 -16.09 34.60
CA ALA A 169 28.82 -16.75 33.89
C ALA A 169 28.39 -17.12 32.46
N ALA A 170 27.12 -17.50 32.31
CA ALA A 170 26.57 -17.79 30.99
C ALA A 170 26.54 -16.55 30.10
N ASP A 171 26.25 -15.39 30.71
CA ASP A 171 26.20 -14.11 30.01
C ASP A 171 27.57 -13.76 29.46
N VAL A 172 28.62 -13.97 30.26
CA VAL A 172 30.00 -13.71 29.86
C VAL A 172 30.36 -14.59 28.65
N LEU A 173 30.07 -15.88 28.75
CA LEU A 173 30.22 -16.79 27.62
C LEU A 173 29.60 -16.24 26.35
N VAL A 174 28.42 -15.63 26.47
CA VAL A 174 27.76 -15.02 25.30
C VAL A 174 28.52 -13.80 24.80
N ALA A 175 28.94 -12.94 25.72
CA ALA A 175 29.65 -11.72 25.34
C ALA A 175 30.94 -12.04 24.60
N ARG A 176 31.72 -12.97 25.15
CA ARG A 176 32.96 -13.41 24.52
C ARG A 176 32.69 -13.91 23.10
N TYR A 177 31.73 -14.83 22.97
CA TYR A 177 31.39 -15.42 21.67
C TYR A 177 30.95 -14.35 20.66
N MET A 178 30.12 -13.40 21.11
CA MET A 178 29.57 -12.41 20.20
C MET A 178 30.60 -11.40 19.71
N SER A 179 31.69 -11.23 20.45
CA SER A 179 32.78 -10.39 19.98
C SER A 179 33.69 -11.17 19.00
N ARG A 180 33.15 -12.28 18.49
CA ARG A 180 33.83 -13.21 17.57
CA ARG A 180 33.85 -13.17 17.54
C ARG A 180 35.13 -13.79 18.15
N ALA A 181 34.97 -14.85 18.92
CA ALA A 181 36.08 -15.56 19.55
C ALA A 181 35.89 -17.07 19.46
N ASN B 21 27.17 8.16 27.64
CA ASN B 21 26.46 8.92 28.70
C ASN B 21 25.11 8.31 29.06
N ARG B 22 25.05 7.68 30.23
CA ARG B 22 23.84 7.05 30.77
C ARG B 22 23.09 6.16 29.77
N PRO B 23 23.58 4.93 29.55
CA PRO B 23 22.89 4.04 28.61
C PRO B 23 21.56 3.53 29.15
N ASN B 24 21.42 3.51 30.48
CA ASN B 24 20.22 2.97 31.13
C ASN B 24 19.08 3.99 31.30
N ARG B 25 19.27 5.18 30.72
CA ARG B 25 18.30 6.27 30.81
C ARG B 25 17.49 6.36 29.52
N LEU B 26 16.22 6.01 29.59
CA LEU B 26 15.39 5.91 28.37
C LEU B 26 14.21 6.85 28.36
N ILE B 27 13.68 7.13 27.17
CA ILE B 27 12.57 8.06 26.97
C ILE B 27 11.33 7.31 26.52
N VAL B 28 10.25 7.40 27.32
CA VAL B 28 8.97 6.71 27.06
C VAL B 28 8.36 7.05 25.69
N ASP B 29 8.02 6.01 24.93
CA ASP B 29 7.38 6.17 23.62
C ASP B 29 6.20 5.20 23.49
N GLU B 30 5.38 5.38 22.47
CA GLU B 30 4.14 4.58 22.37
C GLU B 30 4.41 3.20 21.80
N ALA B 31 3.62 2.24 22.24
CA ALA B 31 3.76 0.84 21.83
C ALA B 31 3.25 0.56 20.40
N ILE B 32 3.87 -0.40 19.73
CA ILE B 32 3.30 -1.04 18.55
C ILE B 32 2.67 -2.33 19.05
N ASN B 33 3.41 -3.06 19.89
CA ASN B 33 2.97 -4.30 20.50
C ASN B 33 2.00 -4.00 21.65
N GLU B 34 0.82 -4.60 21.61
CA GLU B 34 -0.22 -4.24 22.58
C GLU B 34 -0.41 -5.20 23.76
N ASP B 35 0.56 -6.07 23.98
CA ASP B 35 0.54 -6.96 25.14
C ASP B 35 0.96 -6.20 26.42
N ASN B 36 0.25 -6.43 27.52
CA ASN B 36 0.49 -5.76 28.81
C ASN B 36 1.91 -5.85 29.37
N SER B 37 2.57 -6.98 29.13
CA SER B 37 3.82 -7.30 29.81
C SER B 37 5.04 -6.88 29.02
N VAL B 38 4.80 -6.33 27.83
CA VAL B 38 5.87 -6.12 26.85
C VAL B 38 6.30 -4.67 26.70
N VAL B 39 7.61 -4.47 26.63
CA VAL B 39 8.23 -3.20 26.23
C VAL B 39 9.26 -3.46 25.12
N SER B 40 9.56 -2.42 24.34
CA SER B 40 10.41 -2.58 23.17
C SER B 40 11.57 -1.63 23.20
N LEU B 41 12.75 -2.14 22.81
CA LEU B 41 13.94 -1.32 22.64
C LEU B 41 14.51 -1.47 21.24
N SER B 42 15.34 -0.53 20.81
CA SER B 42 16.10 -0.70 19.60
C SER B 42 17.12 -1.81 19.85
N GLN B 43 17.47 -2.54 18.79
CA GLN B 43 18.44 -3.62 18.91
C GLN B 43 19.79 -3.13 19.41
N PRO B 44 20.30 -1.99 18.86
CA PRO B 44 21.59 -1.48 19.37
C PRO B 44 21.56 -1.17 20.86
N LYS B 45 20.38 -0.79 21.36
CA LYS B 45 20.22 -0.55 22.78
C LYS B 45 20.21 -1.89 23.55
N MET B 46 19.60 -2.91 22.96
CA MET B 46 19.62 -4.25 23.56
C MET B 46 21.01 -4.89 23.57
N ASP B 47 21.76 -4.70 22.49
CA ASP B 47 23.17 -5.08 22.45
C ASP B 47 23.91 -4.45 23.61
N GLU B 48 23.75 -3.13 23.75
CA GLU B 48 24.44 -2.35 24.77
C GLU B 48 24.14 -2.80 26.20
N LEU B 49 22.90 -3.19 26.44
CA LEU B 49 22.51 -3.66 27.76
C LEU B 49 22.63 -5.18 27.91
N GLN B 50 23.09 -5.84 26.84
CA GLN B 50 23.27 -7.29 26.79
C GLN B 50 22.01 -8.07 27.15
N LEU B 51 20.87 -7.61 26.62
CA LEU B 51 19.58 -8.27 26.84
C LEU B 51 19.22 -9.26 25.73
N PHE B 52 18.50 -10.30 26.11
CA PHE B 52 17.91 -11.26 25.17
C PHE B 52 16.46 -10.88 24.90
N ARG B 53 16.03 -11.08 23.66
CA ARG B 53 14.61 -11.10 23.34
C ARG B 53 13.93 -12.05 24.32
N GLY B 54 13.07 -11.48 25.18
CA GLY B 54 12.34 -12.29 26.14
C GLY B 54 12.77 -12.10 27.58
N ASP B 55 13.89 -11.41 27.78
CA ASP B 55 14.38 -11.17 29.13
C ASP B 55 13.44 -10.29 29.95
N THR B 56 13.47 -10.48 31.26
CA THR B 56 12.75 -9.62 32.18
C THR B 56 13.58 -8.38 32.50
N VAL B 57 12.91 -7.25 32.63
CA VAL B 57 13.59 -5.98 32.90
C VAL B 57 12.88 -5.28 34.03
N LEU B 58 13.66 -4.58 34.86
CA LEU B 58 13.09 -3.78 35.94
C LEU B 58 13.11 -2.30 35.55
N LEU B 59 11.97 -1.64 35.68
CA LEU B 59 11.80 -0.26 35.23
C LEU B 59 11.31 0.66 36.35
N LYS B 60 11.85 1.88 36.39
CA LYS B 60 11.42 2.93 37.32
C LYS B 60 11.23 4.28 36.65
N GLY B 61 10.19 5.00 37.06
CA GLY B 61 10.02 6.40 36.67
C GLY B 61 10.34 7.37 37.80
N LYS B 62 10.04 8.66 37.58
CA LYS B 62 10.25 9.72 38.57
C LYS B 62 9.62 9.44 39.93
N LYS B 63 8.36 8.99 39.94
CA LYS B 63 7.67 8.67 41.19
C LYS B 63 8.32 7.46 41.89
N ARG B 64 9.19 6.79 41.14
CA ARG B 64 9.98 5.63 41.60
C ARG B 64 9.14 4.40 41.98
N ARG B 65 7.98 4.28 41.32
CA ARG B 65 7.22 3.04 41.27
C ARG B 65 7.90 2.10 40.28
N GLU B 66 8.00 0.82 40.64
CA GLU B 66 8.68 -0.17 39.82
C GLU B 66 7.71 -0.93 38.93
N ALA B 67 8.19 -1.40 37.79
CA ALA B 67 7.49 -2.38 36.96
C ALA B 67 8.46 -3.41 36.43
N VAL B 68 7.96 -4.62 36.21
CA VAL B 68 8.72 -5.69 35.60
C VAL B 68 8.06 -6.08 34.27
N CYS B 69 8.89 -6.18 33.23
CA CYS B 69 8.39 -6.41 31.91
C CYS B 69 9.28 -7.35 31.14
N ILE B 70 8.76 -7.80 29.99
CA ILE B 70 9.50 -8.60 29.05
C ILE B 70 9.94 -7.64 27.97
N VAL B 71 11.18 -7.79 27.50
CA VAL B 71 11.69 -6.89 26.49
C VAL B 71 11.81 -7.57 25.12
N LEU B 72 11.27 -6.90 24.11
CA LEU B 72 11.49 -7.27 22.72
C LEU B 72 12.27 -6.18 22.03
N SER B 73 12.80 -6.48 20.85
CA SER B 73 13.42 -5.46 20.02
C SER B 73 12.39 -4.88 19.08
N ASP B 74 12.68 -3.69 18.58
CA ASP B 74 11.81 -3.01 17.68
C ASP B 74 12.66 -2.32 16.62
N ASP B 75 12.26 -2.48 15.36
CA ASP B 75 13.01 -1.94 14.23
C ASP B 75 12.83 -0.45 14.03
N THR B 76 11.83 0.11 14.72
CA THR B 76 11.45 1.48 14.48
C THR B 76 11.62 2.39 15.73
N CYS B 77 12.53 2.01 16.62
CA CYS B 77 12.90 2.79 17.80
C CYS B 77 14.14 3.61 17.56
N SER B 78 14.16 4.82 18.11
CA SER B 78 15.42 5.52 18.30
C SER B 78 16.10 4.91 19.54
N ASP B 79 17.43 4.93 19.58
CA ASP B 79 18.18 4.18 20.61
C ASP B 79 17.81 4.48 22.07
N GLU B 80 17.41 5.72 22.35
CA GLU B 80 17.01 6.12 23.71
C GLU B 80 15.54 5.81 24.05
N LYS B 81 14.79 5.34 23.05
CA LYS B 81 13.36 5.07 23.24
C LYS B 81 13.05 3.74 23.91
N ILE B 82 12.04 3.75 24.78
CA ILE B 82 11.41 2.52 25.25
C ILE B 82 9.92 2.59 24.90
N ARG B 83 9.49 1.68 24.02
CA ARG B 83 8.07 1.61 23.62
C ARG B 83 7.29 0.83 24.65
N MET B 84 6.25 1.45 25.20
CA MET B 84 5.41 0.80 26.20
C MET B 84 3.97 1.28 26.08
N ASN B 85 3.03 0.37 26.32
CA ASN B 85 1.63 0.77 26.24
C ASN B 85 1.08 1.28 27.57
N ARG B 86 -0.18 1.72 27.53
CA ARG B 86 -0.79 2.49 28.61
C ARG B 86 -0.87 1.77 29.95
N VAL B 87 -0.98 0.46 29.91
CA VAL B 87 -0.97 -0.33 31.14
C VAL B 87 0.35 -0.13 31.89
N VAL B 88 1.47 -0.23 31.19
CA VAL B 88 2.77 -0.11 31.80
C VAL B 88 3.05 1.34 32.17
N ARG B 89 2.63 2.28 31.32
CA ARG B 89 2.78 3.70 31.61
C ARG B 89 2.04 4.07 32.90
N ASN B 90 0.79 3.62 33.04
CA ASN B 90 0.02 3.87 34.27
C ASN B 90 0.65 3.27 35.53
N ASN B 91 1.12 2.02 35.43
CA ASN B 91 1.80 1.33 36.53
C ASN B 91 3.04 2.09 37.01
N LEU B 92 3.73 2.71 36.06
CA LEU B 92 4.94 3.49 36.31
C LEU B 92 4.63 4.95 36.65
N ARG B 93 3.36 5.33 36.55
CA ARG B 93 2.93 6.74 36.62
C ARG B 93 3.74 7.67 35.70
N VAL B 94 4.01 7.22 34.48
CA VAL B 94 4.70 8.06 33.49
C VAL B 94 3.78 8.42 32.34
N ARG B 95 4.26 9.33 31.49
CA ARG B 95 3.56 9.75 30.28
C ARG B 95 4.57 9.78 29.14
N LEU B 96 4.05 9.74 27.91
CA LEU B 96 4.92 9.84 26.72
C LEU B 96 5.87 11.03 26.87
N GLY B 97 7.16 10.77 26.65
CA GLY B 97 8.21 11.77 26.82
C GLY B 97 9.03 11.65 28.10
N ASP B 98 8.50 10.94 29.10
CA ASP B 98 9.14 10.88 30.41
C ASP B 98 10.39 9.98 30.43
N VAL B 99 11.23 10.21 31.44
CA VAL B 99 12.45 9.45 31.62
C VAL B 99 12.13 8.16 32.39
N ILE B 100 12.71 7.05 31.96
CA ILE B 100 12.69 5.86 32.82
C ILE B 100 14.09 5.29 32.98
N SER B 101 14.24 4.48 34.01
CA SER B 101 15.47 3.75 34.31
C SER B 101 15.25 2.30 33.94
N ILE B 102 16.23 1.70 33.27
CA ILE B 102 16.17 0.27 32.96
C ILE B 102 17.33 -0.46 33.63
N GLN B 103 17.03 -1.58 34.26
CA GLN B 103 18.06 -2.47 34.76
C GLN B 103 17.62 -3.91 34.55
N PRO B 104 18.59 -4.82 34.33
CA PRO B 104 18.19 -6.23 34.19
C PRO B 104 17.66 -6.80 35.50
N CYS B 105 16.77 -7.77 35.39
CA CYS B 105 16.26 -8.47 36.57
CA CYS B 105 16.17 -8.42 36.53
C CYS B 105 15.98 -9.93 36.27
N PRO B 106 17.07 -10.73 36.25
CA PRO B 106 16.90 -12.17 36.00
C PRO B 106 16.61 -12.94 37.29
N ASP B 107 16.62 -12.23 38.42
CA ASP B 107 16.41 -12.80 39.76
C ASP B 107 15.01 -13.38 39.96
N VAL B 108 14.04 -12.78 39.26
CA VAL B 108 12.61 -12.99 39.52
C VAL B 108 12.22 -14.46 39.69
N LYS B 109 11.85 -14.81 40.91
CA LYS B 109 11.44 -16.16 41.25
C LYS B 109 10.01 -16.46 40.80
N TYR B 110 9.72 -17.75 40.62
CA TYR B 110 8.41 -18.21 40.20
C TYR B 110 7.43 -18.14 41.37
N GLY B 111 6.23 -17.65 41.09
CA GLY B 111 5.24 -17.40 42.14
C GLY B 111 4.66 -18.68 42.73
N LYS B 112 4.55 -18.70 44.06
CA LYS B 112 3.87 -19.79 44.76
C LYS B 112 2.37 -19.60 44.62
N ARG B 113 1.93 -18.36 44.81
CA ARG B 113 0.52 -18.00 44.81
C ARG B 113 0.40 -16.50 44.61
N ILE B 114 -0.70 -16.07 43.99
CA ILE B 114 -1.02 -14.64 43.84
C ILE B 114 -2.48 -14.34 44.20
N HIS B 115 -2.73 -13.08 44.52
CA HIS B 115 -4.07 -12.60 44.87
C HIS B 115 -4.38 -11.42 43.96
N VAL B 116 -5.34 -11.62 43.06
CA VAL B 116 -5.76 -10.56 42.15
C VAL B 116 -7.25 -10.32 42.25
N LEU B 117 -7.64 -9.06 42.23
CA LEU B 117 -9.05 -8.73 42.31
C LEU B 117 -9.43 -7.72 41.24
N PRO B 118 -10.66 -7.85 40.69
CA PRO B 118 -11.17 -6.88 39.74
C PRO B 118 -11.42 -5.51 40.38
N ILE B 119 -11.26 -4.46 39.60
CA ILE B 119 -11.65 -3.12 40.02
C ILE B 119 -13.15 -2.94 39.76
N ASP B 120 -13.86 -2.42 40.78
CA ASP B 120 -15.33 -2.31 40.81
C ASP B 120 -15.99 -1.73 39.55
N ASP B 121 -15.57 -0.52 39.17
CA ASP B 121 -16.19 0.20 38.06
C ASP B 121 -15.93 -0.45 36.70
N THR B 122 -15.24 -1.60 36.71
CA THR B 122 -14.94 -2.36 35.51
C THR B 122 -15.75 -3.66 35.44
N VAL B 123 -16.28 -4.09 36.59
CA VAL B 123 -17.06 -5.34 36.68
C VAL B 123 -18.55 -5.14 36.98
N GLU B 124 -19.03 -3.91 36.95
CA GLU B 124 -20.44 -3.63 37.11
C GLU B 124 -21.20 -4.44 36.07
N GLY B 125 -22.18 -5.22 36.49
CA GLY B 125 -23.05 -5.94 35.57
C GLY B 125 -22.71 -7.40 35.34
N ILE B 126 -21.53 -7.83 35.79
CA ILE B 126 -21.12 -9.22 35.61
C ILE B 126 -20.98 -10.02 36.90
N THR B 127 -21.29 -11.32 36.80
CA THR B 127 -21.13 -12.26 37.89
C THR B 127 -20.48 -13.55 37.36
N GLY B 128 -20.05 -14.42 38.26
CA GLY B 128 -19.54 -15.71 37.86
C GLY B 128 -18.03 -15.84 37.99
N ASN B 129 -17.48 -16.81 37.25
CA ASN B 129 -16.10 -17.20 37.39
C ASN B 129 -15.15 -16.35 36.55
N LEU B 130 -14.61 -15.31 37.17
CA LEU B 130 -13.70 -14.39 36.52
C LEU B 130 -12.36 -15.06 36.19
N PHE B 131 -12.00 -16.04 37.01
CA PHE B 131 -10.81 -16.85 36.77
C PHE B 131 -10.90 -17.54 35.41
N GLU B 132 -11.96 -18.33 35.20
CA GLU B 132 -12.11 -19.11 33.97
C GLU B 132 -12.15 -18.25 32.70
N VAL B 133 -12.86 -17.13 32.76
CA VAL B 133 -13.07 -16.26 31.61
C VAL B 133 -11.86 -15.37 31.27
N TYR B 134 -11.32 -14.69 32.28
CA TYR B 134 -10.27 -13.71 32.06
C TYR B 134 -8.88 -14.21 32.47
N LEU B 135 -8.75 -14.58 33.74
CA LEU B 135 -7.44 -14.85 34.35
C LEU B 135 -6.75 -16.09 33.81
N LYS B 136 -7.50 -17.18 33.67
CA LYS B 136 -6.92 -18.43 33.16
C LYS B 136 -6.29 -18.28 31.76
N PRO B 137 -7.04 -17.73 30.77
CA PRO B 137 -6.42 -17.58 29.46
C PRO B 137 -5.30 -16.54 29.43
N TYR B 138 -5.43 -15.50 30.24
CA TYR B 138 -4.40 -14.44 30.30
C TYR B 138 -3.02 -14.95 30.76
N PHE B 139 -2.97 -15.72 31.83
CA PHE B 139 -1.71 -16.21 32.40
C PHE B 139 -1.23 -17.54 31.79
N LEU B 140 -2.13 -18.22 31.07
CA LEU B 140 -1.88 -19.57 30.54
C LEU B 140 -0.57 -19.73 29.78
N GLU B 141 0.40 -20.37 30.43
CA GLU B 141 1.76 -20.59 29.90
C GLU B 141 2.40 -19.33 29.31
N ALA B 142 1.97 -18.18 29.80
CA ALA B 142 2.50 -16.91 29.33
C ALA B 142 3.75 -16.49 30.11
N TYR B 143 3.98 -17.10 31.27
CA TYR B 143 5.12 -16.76 32.16
C TYR B 143 5.27 -15.26 32.38
N ARG B 144 4.16 -14.59 32.70
CA ARG B 144 4.12 -13.13 32.80
C ARG B 144 4.72 -12.66 34.13
N PRO B 145 5.62 -11.67 34.07
CA PRO B 145 6.16 -11.10 35.30
C PRO B 145 5.18 -10.10 35.90
N ILE B 146 4.95 -10.17 37.20
CA ILE B 146 4.02 -9.24 37.83
C ILE B 146 4.56 -8.63 39.12
N ARG B 147 3.95 -7.53 39.52
CA ARG B 147 4.36 -6.78 40.70
C ARG B 147 3.15 -6.49 41.56
N LYS B 148 3.29 -6.73 42.86
CA LYS B 148 2.31 -6.29 43.86
C LYS B 148 1.92 -4.84 43.55
N GLY B 149 0.62 -4.58 43.41
CA GLY B 149 0.12 -3.25 43.09
C GLY B 149 -0.16 -2.97 41.61
N ASP B 150 0.39 -3.79 40.71
CA ASP B 150 0.12 -3.66 39.27
C ASP B 150 -1.37 -3.63 38.96
N ILE B 151 -1.79 -2.73 38.09
CA ILE B 151 -3.09 -2.87 37.46
C ILE B 151 -2.87 -3.41 36.05
N PHE B 152 -3.60 -4.45 35.69
CA PHE B 152 -3.58 -4.96 34.33
C PHE B 152 -4.99 -5.16 33.78
N LEU B 153 -5.06 -5.29 32.45
CA LEU B 153 -6.32 -5.28 31.72
C LEU B 153 -6.47 -6.56 30.94
N VAL B 154 -7.65 -7.16 30.96
CA VAL B 154 -7.95 -8.34 30.15
C VAL B 154 -9.25 -8.11 29.38
N ARG B 155 -9.23 -8.42 28.09
CA ARG B 155 -10.39 -8.18 27.23
C ARG B 155 -11.16 -9.47 27.02
N GLY B 156 -12.49 -9.36 26.95
CA GLY B 156 -13.34 -10.53 26.83
C GLY B 156 -14.77 -10.27 27.22
N GLY B 157 -15.70 -11.01 26.59
CA GLY B 157 -17.13 -10.83 26.79
C GLY B 157 -17.57 -9.38 26.63
N MET B 158 -17.25 -8.80 25.47
CA MET B 158 -17.70 -7.44 25.11
C MET B 158 -17.25 -6.36 26.09
N ARG B 159 -16.15 -6.62 26.81
CA ARG B 159 -15.75 -5.81 27.95
C ARG B 159 -14.26 -5.95 28.28
N ALA B 160 -13.66 -4.85 28.72
CA ALA B 160 -12.27 -4.84 29.18
C ALA B 160 -12.21 -4.73 30.70
N VAL B 161 -11.84 -5.82 31.36
CA VAL B 161 -11.77 -5.84 32.83
C VAL B 161 -10.36 -5.52 33.35
N GLU B 162 -10.30 -4.64 34.35
CA GLU B 162 -9.05 -4.26 35.01
C GLU B 162 -8.89 -4.99 36.35
N PHE B 163 -7.70 -5.56 36.55
CA PHE B 163 -7.37 -6.35 37.75
C PHE B 163 -6.20 -5.73 38.47
N LYS B 164 -6.23 -5.77 39.80
CA LYS B 164 -5.09 -5.34 40.60
C LYS B 164 -4.47 -6.52 41.32
N VAL B 165 -3.14 -6.58 41.30
CA VAL B 165 -2.41 -7.58 42.06
C VAL B 165 -2.33 -7.10 43.50
N VAL B 166 -3.13 -7.74 44.36
CA VAL B 166 -3.24 -7.35 45.75
C VAL B 166 -2.02 -7.82 46.54
N GLU B 167 -1.62 -9.08 46.29
CA GLU B 167 -0.46 -9.65 46.96
C GLU B 167 0.16 -10.76 46.11
N THR B 168 1.48 -10.94 46.24
CA THR B 168 2.19 -12.04 45.60
C THR B 168 3.04 -12.79 46.63
N ASP B 169 3.39 -14.03 46.32
CA ASP B 169 4.33 -14.79 47.13
C ASP B 169 5.24 -15.59 46.19
N PRO B 170 6.54 -15.24 46.13
CA PRO B 170 7.25 -14.17 46.86
C PRO B 170 6.79 -12.75 46.54
N SER B 171 7.20 -11.81 47.38
CA SER B 171 6.82 -10.43 47.28
C SER B 171 8.08 -9.57 47.14
N PRO B 172 8.00 -8.43 46.43
CA PRO B 172 6.85 -7.88 45.74
C PRO B 172 6.68 -8.30 44.26
N TYR B 173 7.67 -8.96 43.69
CA TYR B 173 7.49 -9.42 42.31
C TYR B 173 7.74 -10.91 42.09
N CYS B 174 7.06 -11.47 41.09
CA CYS B 174 7.21 -12.88 40.72
C CYS B 174 6.79 -13.13 39.27
N ILE B 175 7.07 -14.34 38.79
CA ILE B 175 6.59 -14.82 37.52
C ILE B 175 5.40 -15.73 37.77
N VAL B 176 4.28 -15.44 37.13
CA VAL B 176 3.13 -16.34 37.16
C VAL B 176 3.46 -17.52 36.27
N ALA B 177 3.79 -18.64 36.91
CA ALA B 177 4.13 -19.88 36.23
C ALA B 177 2.95 -20.85 36.30
N PRO B 178 3.00 -21.94 35.51
CA PRO B 178 1.97 -22.97 35.56
C PRO B 178 1.62 -23.49 36.96
N ASP B 179 2.60 -23.59 37.85
CA ASP B 179 2.35 -24.05 39.22
C ASP B 179 1.76 -23.00 40.14
N THR B 180 1.88 -21.72 39.75
CA THR B 180 1.41 -20.61 40.59
C THR B 180 -0.10 -20.66 40.84
N VAL B 181 -0.49 -20.80 42.10
CA VAL B 181 -1.90 -20.78 42.48
C VAL B 181 -2.46 -19.36 42.41
N ILE B 182 -3.51 -19.19 41.61
CA ILE B 182 -4.12 -17.88 41.42
C ILE B 182 -5.40 -17.78 42.23
N HIS B 183 -5.38 -16.91 43.24
CA HIS B 183 -6.52 -16.68 44.12
C HIS B 183 -7.23 -15.39 43.73
N CYS B 184 -8.54 -15.47 43.55
CA CYS B 184 -9.32 -14.29 43.21
C CYS B 184 -10.70 -14.23 43.89
N GLU B 185 -10.77 -14.75 45.12
CA GLU B 185 -11.97 -14.62 45.93
C GLU B 185 -11.92 -13.31 46.71
N GLY B 186 -13.09 -12.69 46.88
CA GLY B 186 -13.20 -11.41 47.56
C GLY B 186 -14.04 -10.43 46.76
N GLU B 187 -14.33 -9.28 47.37
CA GLU B 187 -15.13 -8.25 46.73
C GLU B 187 -14.30 -7.46 45.73
N PRO B 188 -14.93 -6.97 44.65
CA PRO B 188 -14.26 -6.02 43.75
C PRO B 188 -13.74 -4.81 44.51
N ILE B 189 -12.59 -4.27 44.10
CA ILE B 189 -11.95 -3.19 44.88
C ILE B 189 -12.10 -1.79 44.27
N LYS B 190 -11.99 -0.79 45.15
CA LYS B 190 -12.15 0.61 44.79
C LYS B 190 -10.94 1.14 44.03
N ARG B 191 -11.19 1.94 43.00
CA ARG B 191 -10.14 2.61 42.24
C ARG B 191 -9.52 3.75 43.06
N GLU B 192 -8.20 3.74 43.17
CA GLU B 192 -7.47 4.76 43.91
C GLU B 192 -7.39 6.07 43.11
N ASP B 193 -7.16 7.18 43.82
CA ASP B 193 -7.23 8.52 43.25
C ASP B 193 -6.29 8.78 42.06
N GLU B 194 -5.02 8.43 42.22
CA GLU B 194 -4.04 8.61 41.14
C GLU B 194 -4.05 7.46 40.13
N GLU B 195 -4.81 6.41 40.40
CA GLU B 195 -4.97 5.29 39.48
C GLU B 195 -5.93 5.65 38.36
N GLU B 196 -5.37 5.98 37.19
CA GLU B 196 -6.18 6.34 36.03
C GLU B 196 -6.91 5.14 35.43
N SER B 197 -8.18 5.34 35.13
CA SER B 197 -8.98 4.35 34.44
C SER B 197 -8.39 4.13 33.05
N LEU B 198 -8.18 2.87 32.68
CA LEU B 198 -7.78 2.55 31.32
C LEU B 198 -8.96 2.72 30.37
N ASN B 199 -10.13 3.02 30.94
CA ASN B 199 -11.29 3.40 30.15
C ASN B 199 -11.18 4.83 29.63
N GLU B 200 -10.37 5.66 30.31
CA GLU B 200 -10.09 7.01 29.83
C GLU B 200 -9.52 6.94 28.42
N VAL B 201 -9.87 7.92 27.60
CA VAL B 201 -9.45 7.99 26.20
C VAL B 201 -7.96 8.32 26.05
N GLY B 202 -7.24 7.50 25.29
CA GLY B 202 -5.84 7.77 24.91
C GLY B 202 -5.61 7.61 23.41
N TYR B 203 -4.36 7.73 22.98
CA TYR B 203 -4.05 7.62 21.55
C TYR B 203 -4.43 6.27 20.91
N ASP B 204 -4.40 5.22 21.72
CA ASP B 204 -4.72 3.88 21.24
C ASP B 204 -6.22 3.71 20.95
N ASP B 205 -7.01 4.76 21.22
CA ASP B 205 -8.45 4.75 20.94
C ASP B 205 -8.78 5.46 19.63
N ILE B 206 -7.75 5.86 18.90
CA ILE B 206 -7.93 6.63 17.68
C ILE B 206 -7.35 5.91 16.47
N GLY B 207 -8.21 5.68 15.48
CA GLY B 207 -7.81 5.01 14.26
C GLY B 207 -7.97 5.95 13.09
N GLY B 208 -7.16 5.73 12.06
CA GLY B 208 -7.25 6.47 10.81
C GLY B 208 -6.85 7.92 10.86
N CYS B 209 -6.04 8.29 11.85
CA CYS B 209 -5.63 9.68 12.07
C CYS B 209 -4.15 9.84 12.41
N ARG B 210 -3.34 8.88 12.00
CA ARG B 210 -1.90 8.95 12.21
C ARG B 210 -1.32 10.32 11.83
N LYS B 211 -1.62 10.78 10.62
CA LYS B 211 -1.08 12.03 10.10
C LYS B 211 -1.46 13.20 11.00
N GLN B 212 -2.72 13.25 11.40
CA GLN B 212 -3.26 14.38 12.15
C GLN B 212 -2.81 14.38 13.61
N LEU B 213 -2.74 13.20 14.22
CA LEU B 213 -2.19 13.08 15.56
C LEU B 213 -0.76 13.59 15.59
N ALA B 214 0.01 13.22 14.57
CA ALA B 214 1.38 13.70 14.44
C ALA B 214 1.44 15.23 14.30
N GLN B 215 0.54 15.80 13.50
CA GLN B 215 0.48 17.26 13.33
C GLN B 215 0.14 17.98 14.63
N ILE B 216 -0.85 17.46 15.35
CA ILE B 216 -1.27 18.03 16.61
C ILE B 216 -0.23 17.84 17.73
N LYS B 217 0.32 16.64 17.87
CA LYS B 217 1.38 16.41 18.86
C LYS B 217 2.54 17.39 18.67
N GLU B 218 2.97 17.58 17.43
CA GLU B 218 4.04 18.51 17.10
C GLU B 218 3.74 19.95 17.56
N MET B 219 2.46 20.33 17.57
CA MET B 219 2.04 21.67 17.95
C MET B 219 1.91 21.88 19.45
N VAL B 220 1.32 20.92 20.15
CA VAL B 220 0.83 21.16 21.51
C VAL B 220 1.46 20.33 22.63
N GLU B 221 2.15 19.25 22.28
CA GLU B 221 2.58 18.28 23.30
C GLU B 221 3.55 18.88 24.29
N LEU B 222 4.63 19.45 23.77
CA LEU B 222 5.67 20.01 24.60
C LEU B 222 5.23 21.26 25.38
N PRO B 223 4.50 22.20 24.73
CA PRO B 223 3.98 23.35 25.49
C PRO B 223 3.14 22.96 26.70
N LEU B 224 2.32 21.92 26.56
CA LEU B 224 1.43 21.48 27.62
C LEU B 224 2.16 20.62 28.64
N ARG B 225 3.13 19.84 28.17
CA ARG B 225 3.79 18.86 28.99
C ARG B 225 4.95 19.48 29.75
N HIS B 226 5.76 20.27 29.06
CA HIS B 226 6.92 20.92 29.69
C HIS B 226 6.97 22.42 29.40
N PRO B 227 6.11 23.20 30.07
CA PRO B 227 5.96 24.62 29.71
C PRO B 227 7.24 25.45 29.92
N ALA B 228 7.93 25.24 31.04
CA ALA B 228 9.17 25.97 31.35
C ALA B 228 10.30 25.66 30.37
N LEU B 229 10.52 24.38 30.11
CA LEU B 229 11.53 23.94 29.16
C LEU B 229 11.19 24.40 27.75
N PHE B 230 9.89 24.43 27.43
CA PHE B 230 9.45 24.85 26.10
C PHE B 230 9.80 26.32 25.83
N LYS B 231 9.52 27.18 26.81
CA LYS B 231 9.84 28.60 26.70
C LYS B 231 11.33 28.81 26.44
N ALA B 232 12.17 28.07 27.15
CA ALA B 232 13.62 28.15 27.00
C ALA B 232 14.12 27.85 25.58
N ILE B 233 13.38 27.05 24.83
CA ILE B 233 13.70 26.80 23.41
C ILE B 233 13.34 28.02 22.55
N GLY B 234 12.37 28.81 23.02
CA GLY B 234 12.08 30.11 22.43
C GLY B 234 11.05 30.16 21.33
N VAL B 235 10.70 29.02 20.74
CA VAL B 235 9.67 29.00 19.71
C VAL B 235 8.27 29.22 20.31
N LYS B 236 7.44 29.99 19.61
CA LYS B 236 6.12 30.37 20.10
C LYS B 236 5.10 29.25 19.95
N PRO B 237 4.33 28.98 21.03
CA PRO B 237 3.31 27.94 20.96
C PRO B 237 2.07 28.43 20.22
N PRO B 238 1.30 27.50 19.65
CA PRO B 238 0.00 27.87 19.09
C PRO B 238 -0.91 28.38 20.21
N ARG B 239 -1.86 29.23 19.85
CA ARG B 239 -2.84 29.74 20.79
C ARG B 239 -4.17 29.05 20.58
N GLY B 240 -4.56 28.89 19.32
CA GLY B 240 -5.80 28.22 18.94
C GLY B 240 -5.63 27.27 17.78
N ILE B 241 -6.25 26.09 17.87
CA ILE B 241 -6.21 25.12 16.79
C ILE B 241 -7.62 24.77 16.35
N LEU B 242 -7.83 24.81 15.05
CA LEU B 242 -9.12 24.53 14.49
C LEU B 242 -9.12 23.11 13.91
N LEU B 243 -9.95 22.25 14.49
CA LEU B 243 -10.16 20.91 13.94
C LEU B 243 -11.43 20.92 13.12
N TYR B 244 -11.34 20.50 11.86
CA TYR B 244 -12.51 20.52 11.00
C TYR B 244 -12.75 19.22 10.23
N GLY B 245 -14.02 19.01 9.92
CA GLY B 245 -14.49 17.82 9.23
C GLY B 245 -15.94 17.61 9.61
N PRO B 246 -16.62 16.64 8.96
CA PRO B 246 -18.01 16.32 9.29
C PRO B 246 -18.18 15.78 10.71
N PRO B 247 -19.43 15.70 11.21
CA PRO B 247 -19.69 15.14 12.54
C PRO B 247 -19.17 13.72 12.70
N GLY B 248 -18.68 13.40 13.90
CA GLY B 248 -18.28 12.05 14.25
C GLY B 248 -16.98 11.52 13.64
N THR B 249 -16.11 12.41 13.16
CA THR B 249 -14.81 11.97 12.64
C THR B 249 -13.72 11.83 13.71
N GLY B 250 -14.05 12.21 14.95
CA GLY B 250 -13.17 11.98 16.10
C GLY B 250 -12.45 13.21 16.60
N LYS B 251 -13.06 14.38 16.40
CA LYS B 251 -12.45 15.65 16.77
C LYS B 251 -12.37 15.82 18.29
N THR B 252 -13.47 15.49 18.97
CA THR B 252 -13.52 15.51 20.43
C THR B 252 -12.63 14.41 21.01
N LEU B 253 -12.68 13.23 20.39
CA LEU B 253 -11.82 12.11 20.71
C LEU B 253 -10.37 12.54 20.78
N ILE B 254 -9.91 13.20 19.72
CA ILE B 254 -8.52 13.61 19.58
C ILE B 254 -8.10 14.62 20.66
N ALA B 255 -8.92 15.66 20.86
CA ALA B 255 -8.61 16.71 21.83
C ALA B 255 -8.58 16.14 23.24
N ARG B 256 -9.52 15.26 23.52
CA ARG B 256 -9.59 14.58 24.81
C ARG B 256 -8.39 13.64 25.01
N ALA B 257 -7.95 12.97 23.94
CA ALA B 257 -6.83 12.05 24.02
C ALA B 257 -5.52 12.79 24.27
N VAL B 258 -5.36 13.92 23.59
CA VAL B 258 -4.20 14.78 23.79
C VAL B 258 -4.16 15.33 25.23
N ALA B 259 -5.31 15.74 25.75
CA ALA B 259 -5.39 16.23 27.12
C ALA B 259 -4.96 15.15 28.11
N ASN B 260 -5.49 13.94 27.94
CA ASN B 260 -5.13 12.81 28.81
C ASN B 260 -3.65 12.41 28.69
N GLU B 261 -3.18 12.20 27.47
CA GLU B 261 -1.80 11.74 27.27
C GLU B 261 -0.75 12.77 27.71
N THR B 262 -1.13 14.05 27.76
CA THR B 262 -0.22 15.10 28.22
C THR B 262 -0.39 15.43 29.70
N GLY B 263 -1.42 14.88 30.33
CA GLY B 263 -1.75 15.23 31.71
C GLY B 263 -2.47 16.56 31.86
N ALA B 264 -2.68 17.27 30.75
CA ALA B 264 -3.38 18.55 30.77
C ALA B 264 -4.86 18.40 31.12
N PHE B 265 -5.37 19.40 31.84
CA PHE B 265 -6.78 19.50 32.21
C PHE B 265 -7.59 19.77 30.95
N PHE B 266 -8.80 19.23 30.90
CA PHE B 266 -9.68 19.34 29.74
C PHE B 266 -11.02 20.00 30.11
N PHE B 267 -11.31 21.12 29.47
CA PHE B 267 -12.59 21.80 29.68
C PHE B 267 -13.36 21.88 28.36
N LEU B 268 -14.48 21.17 28.30
CA LEU B 268 -15.29 21.17 27.09
C LEU B 268 -16.38 22.26 27.16
N ILE B 269 -16.47 23.05 26.09
CA ILE B 269 -17.58 23.96 25.88
C ILE B 269 -18.39 23.51 24.67
N ASN B 270 -19.70 23.33 24.87
CA ASN B 270 -20.59 23.02 23.78
C ASN B 270 -21.20 24.30 23.21
N GLY B 271 -20.93 24.54 21.93
CA GLY B 271 -21.36 25.76 21.24
C GLY B 271 -22.83 26.12 21.40
N PRO B 272 -23.73 25.28 20.84
CA PRO B 272 -25.16 25.59 20.91
C PRO B 272 -25.68 25.69 22.34
N GLU B 273 -25.10 24.88 23.22
CA GLU B 273 -25.49 24.84 24.63
C GLU B 273 -25.20 26.17 25.34
N ILE B 274 -24.07 26.79 25.02
CA ILE B 274 -23.70 28.07 25.64
C ILE B 274 -24.49 29.25 25.03
N MET B 275 -24.92 29.10 23.78
CA MET B 275 -25.75 30.08 23.09
C MET B 275 -27.22 30.02 23.52
N SER B 276 -27.64 28.87 24.04
CA SER B 276 -29.00 28.69 24.54
C SER B 276 -29.23 29.49 25.82
N LYS B 277 -28.14 29.79 26.53
CA LYS B 277 -28.19 30.59 27.75
C LYS B 277 -28.57 32.04 27.43
N LEU B 278 -29.18 32.70 28.41
CA LEU B 278 -29.70 34.06 28.24
C LEU B 278 -28.57 35.07 28.00
N ALA B 279 -28.93 36.20 27.38
CA ALA B 279 -27.98 37.27 27.09
C ALA B 279 -27.35 37.81 28.39
N GLY B 280 -26.02 37.71 28.48
CA GLY B 280 -25.30 38.02 29.70
C GLY B 280 -24.71 36.76 30.30
N GLU B 281 -25.55 35.73 30.44
CA GLU B 281 -25.16 34.43 30.98
C GLU B 281 -24.18 33.69 30.07
N SER B 282 -24.38 33.81 28.76
CA SER B 282 -23.45 33.24 27.77
C SER B 282 -22.04 33.70 28.04
N GLU B 283 -21.85 35.03 28.02
CA GLU B 283 -20.54 35.64 28.17
C GLU B 283 -19.85 35.26 29.49
N SER B 284 -20.62 35.18 30.57
CA SER B 284 -20.05 34.81 31.88
C SER B 284 -19.58 33.36 31.95
N ASN B 285 -20.38 32.43 31.41
CA ASN B 285 -19.98 31.01 31.29
C ASN B 285 -18.71 30.83 30.48
N LEU B 286 -18.59 31.62 29.42
CA LEU B 286 -17.40 31.66 28.58
C LEU B 286 -16.20 32.09 29.40
N ARG B 287 -16.36 33.13 30.22
CA ARG B 287 -15.27 33.62 31.06
C ARG B 287 -14.86 32.60 32.11
N LYS B 288 -15.87 31.95 32.72
CA LYS B 288 -15.65 30.93 33.74
C LYS B 288 -14.84 29.77 33.19
N ALA B 289 -15.17 29.39 31.95
CA ALA B 289 -14.45 28.32 31.27
C ALA B 289 -12.96 28.63 31.22
N PHE B 290 -12.62 29.82 30.74
CA PHE B 290 -11.23 30.23 30.64
C PHE B 290 -10.53 30.34 31.98
N GLU B 291 -11.22 30.90 32.99
CA GLU B 291 -10.68 31.00 34.35
C GLU B 291 -10.40 29.64 34.94
N GLU B 292 -11.38 28.73 34.82
CA GLU B 292 -11.24 27.35 35.24
C GLU B 292 -10.03 26.71 34.58
N ALA B 293 -9.85 26.98 33.29
CA ALA B 293 -8.75 26.43 32.52
C ALA B 293 -7.41 26.99 32.97
N GLU B 294 -7.32 28.31 33.07
CA GLU B 294 -6.11 28.97 33.58
C GLU B 294 -5.78 28.48 34.99
N LYS B 295 -6.82 28.23 35.79
CA LYS B 295 -6.67 27.79 37.18
C LYS B 295 -6.05 26.40 37.28
N ASN B 296 -6.41 25.51 36.37
CA ASN B 296 -5.98 24.12 36.42
C ASN B 296 -4.90 23.80 35.39
N ALA B 297 -4.19 24.84 34.96
CA ALA B 297 -3.20 24.73 33.89
C ALA B 297 -2.04 23.76 34.23
N PRO B 298 -1.37 23.20 33.21
CA PRO B 298 -1.64 23.29 31.76
C PRO B 298 -3.02 22.72 31.40
N ALA B 299 -3.68 23.35 30.43
CA ALA B 299 -5.06 22.98 30.09
C ALA B 299 -5.39 23.06 28.60
N ILE B 300 -6.40 22.29 28.20
CA ILE B 300 -7.01 22.42 26.88
C ILE B 300 -8.46 22.82 27.06
N ILE B 301 -8.86 23.91 26.40
CA ILE B 301 -10.26 24.28 26.29
C ILE B 301 -10.69 23.78 24.93
N PHE B 302 -11.77 23.01 24.88
CA PHE B 302 -12.29 22.51 23.62
C PHE B 302 -13.66 23.10 23.32
N ILE B 303 -13.74 23.87 22.24
CA ILE B 303 -14.99 24.47 21.83
C ILE B 303 -15.62 23.65 20.72
N ASP B 304 -16.54 22.77 21.10
CA ASP B 304 -17.28 21.99 20.11
C ASP B 304 -18.29 22.86 19.39
N GLU B 305 -18.40 22.67 18.07
CA GLU B 305 -19.31 23.46 17.22
C GLU B 305 -19.09 24.96 17.38
N LEU B 306 -17.87 25.42 17.05
CA LEU B 306 -17.50 26.82 17.16
C LEU B 306 -18.40 27.71 16.31
N ASP B 307 -18.89 27.18 15.19
CA ASP B 307 -19.75 27.92 14.27
C ASP B 307 -21.10 28.34 14.86
N ALA B 308 -21.52 27.68 15.94
CA ALA B 308 -22.73 28.09 16.65
C ALA B 308 -22.53 29.39 17.45
N ILE B 309 -21.30 29.65 17.84
CA ILE B 309 -20.96 30.85 18.62
C ILE B 309 -20.55 31.98 17.69
N ALA B 310 -19.69 31.67 16.74
CA ALA B 310 -19.12 32.69 15.86
C ALA B 310 -19.22 32.28 14.39
N PRO B 311 -20.45 32.23 13.84
CA PRO B 311 -20.58 31.90 12.41
C PRO B 311 -20.07 33.02 11.52
N LYS B 312 -19.67 32.67 10.30
CA LYS B 312 -19.37 33.67 9.29
C LYS B 312 -20.69 34.27 8.83
N ARG B 313 -20.82 35.59 8.93
CA ARG B 313 -22.04 36.29 8.57
C ARG B 313 -21.84 37.12 7.31
N GLU B 314 -22.94 37.44 6.64
CA GLU B 314 -22.85 38.35 5.49
C GLU B 314 -22.76 39.79 5.94
N LYS B 315 -22.08 40.59 5.13
CA LYS B 315 -21.84 41.99 5.42
C LYS B 315 -23.15 42.80 5.39
N THR B 316 -23.67 43.14 6.56
CA THR B 316 -24.83 44.02 6.69
C THR B 316 -24.41 45.38 7.27
N HIS B 317 -24.95 46.45 6.69
CA HIS B 317 -24.61 47.81 7.07
C HIS B 317 -25.00 48.13 8.52
N GLY B 318 -24.02 48.58 9.29
CA GLY B 318 -24.21 48.90 10.69
C GLY B 318 -24.35 47.68 11.59
N GLU B 319 -23.91 46.53 11.09
CA GLU B 319 -23.92 45.30 11.89
C GLU B 319 -22.92 45.46 13.01
N VAL B 320 -23.38 45.23 14.24
CA VAL B 320 -22.51 45.24 15.41
C VAL B 320 -22.02 43.82 15.71
N GLU B 321 -20.71 43.69 15.92
CA GLU B 321 -20.05 42.44 16.29
C GLU B 321 -20.69 41.86 17.54
N ARG B 322 -21.19 40.63 17.42
CA ARG B 322 -21.93 39.97 18.49
C ARG B 322 -21.15 39.99 19.81
N ARG B 323 -21.84 40.32 20.89
CA ARG B 323 -21.23 40.40 22.23
C ARG B 323 -20.34 39.18 22.48
N ILE B 324 -20.86 38.00 22.14
CA ILE B 324 -20.20 36.73 22.41
C ILE B 324 -18.87 36.57 21.65
N VAL B 325 -18.84 37.06 20.41
CA VAL B 325 -17.64 37.04 19.58
C VAL B 325 -16.56 37.94 20.18
N SER B 326 -16.92 39.19 20.44
CA SER B 326 -16.06 40.15 21.13
C SER B 326 -15.44 39.54 22.39
N GLN B 327 -16.26 38.83 23.16
CA GLN B 327 -15.82 38.22 24.40
C GLN B 327 -14.80 37.09 24.15
N LEU B 328 -15.03 36.29 23.11
CA LEU B 328 -14.12 35.21 22.76
C LEU B 328 -12.78 35.74 22.27
N LEU B 329 -12.81 36.82 21.50
CA LEU B 329 -11.59 37.40 20.95
C LEU B 329 -10.72 37.99 22.06
N THR B 330 -11.38 38.61 23.03
CA THR B 330 -10.76 39.21 24.19
C THR B 330 -10.04 38.13 25.01
N LEU B 331 -10.69 36.99 25.16
CA LEU B 331 -10.14 35.86 25.88
C LEU B 331 -8.97 35.22 25.14
N MET B 332 -9.08 35.09 23.82
CA MET B 332 -7.99 34.56 23.00
C MET B 332 -6.76 35.46 23.07
N ASP B 333 -6.96 36.76 22.78
CA ASP B 333 -5.89 37.75 22.79
C ASP B 333 -5.28 37.95 24.17
N GLY B 334 -6.01 37.57 25.21
CA GLY B 334 -5.58 37.76 26.58
C GLY B 334 -4.82 36.59 27.18
N LEU B 335 -4.76 35.47 26.46
CA LEU B 335 -4.03 34.29 26.93
C LEU B 335 -2.56 34.38 26.60
N LYS B 336 -1.76 34.78 27.58
CA LYS B 336 -0.33 34.79 27.39
C LYS B 336 0.21 33.37 27.48
N GLN B 337 1.38 33.15 26.85
CA GLN B 337 2.04 31.84 26.88
C GLN B 337 2.13 31.27 28.30
N ARG B 338 2.37 32.16 29.27
CA ARG B 338 2.60 31.76 30.65
C ARG B 338 1.34 31.24 31.34
N ALA B 339 0.18 31.42 30.69
CA ALA B 339 -1.07 30.82 31.14
C ALA B 339 -1.11 29.31 30.88
N HIS B 340 -0.25 28.83 29.98
CA HIS B 340 -0.14 27.40 29.63
C HIS B 340 -1.48 26.78 29.19
N VAL B 341 -2.26 27.54 28.43
CA VAL B 341 -3.56 27.07 27.94
C VAL B 341 -3.59 27.10 26.43
N ILE B 342 -4.08 26.01 25.84
CA ILE B 342 -4.28 25.93 24.39
C ILE B 342 -5.76 25.72 24.11
N VAL B 343 -6.30 26.44 23.14
CA VAL B 343 -7.71 26.35 22.79
C VAL B 343 -7.88 25.55 21.50
N MET B 344 -8.74 24.55 21.56
CA MET B 344 -9.09 23.80 20.37
C MET B 344 -10.56 24.00 20.07
N ALA B 345 -10.87 24.10 18.78
CA ALA B 345 -12.24 24.27 18.33
C ALA B 345 -12.58 23.28 17.23
N ALA B 346 -13.83 22.82 17.23
CA ALA B 346 -14.31 21.90 16.21
C ALA B 346 -15.35 22.58 15.34
N THR B 347 -15.15 22.49 14.02
CA THR B 347 -16.12 22.99 13.06
C THR B 347 -16.25 22.02 11.89
N ASN B 348 -17.21 22.24 11.01
CA ASN B 348 -17.34 21.39 9.83
C ASN B 348 -16.44 21.86 8.67
N ARG B 349 -16.39 23.17 8.45
CA ARG B 349 -15.52 23.78 7.45
C ARG B 349 -14.94 25.03 8.09
N PRO B 350 -13.68 25.35 7.77
CA PRO B 350 -13.07 26.58 8.28
C PRO B 350 -13.81 27.86 7.85
N ASN B 351 -14.44 27.84 6.69
CA ASN B 351 -15.15 29.00 6.14
C ASN B 351 -16.49 29.27 6.83
N SER B 352 -16.92 28.36 7.70
CA SER B 352 -18.19 28.47 8.42
C SER B 352 -18.07 29.41 9.62
N ILE B 353 -16.88 29.97 9.79
CA ILE B 353 -16.52 30.67 11.01
C ILE B 353 -16.06 32.08 10.72
N ASP B 354 -16.42 32.99 11.62
CA ASP B 354 -16.05 34.39 11.55
C ASP B 354 -14.55 34.53 11.30
N PRO B 355 -14.17 35.19 10.19
CA PRO B 355 -12.75 35.33 9.80
C PRO B 355 -11.89 36.05 10.84
N ALA B 356 -12.53 36.81 11.72
CA ALA B 356 -11.84 37.49 12.81
C ALA B 356 -11.17 36.48 13.74
N LEU B 357 -11.84 35.34 13.94
CA LEU B 357 -11.33 34.24 14.76
C LEU B 357 -10.17 33.48 14.13
N ARG B 358 -9.97 33.65 12.83
CA ARG B 358 -8.95 32.89 12.11
C ARG B 358 -7.67 33.68 11.86
N ARG B 359 -7.63 34.93 12.34
CA ARG B 359 -6.46 35.77 12.17
C ARG B 359 -5.35 35.37 13.15
N PHE B 360 -4.12 35.68 12.79
CA PHE B 360 -2.91 35.34 13.54
C PHE B 360 -3.05 35.62 15.04
N GLY B 361 -2.62 34.65 15.84
CA GLY B 361 -2.70 34.75 17.30
C GLY B 361 -3.97 34.16 17.89
N ARG B 362 -4.92 33.83 17.02
CA ARG B 362 -6.17 33.21 17.48
C ARG B 362 -6.19 31.76 16.97
N PHE B 363 -7.16 31.41 16.13
CA PHE B 363 -7.16 30.08 15.51
C PHE B 363 -6.43 30.15 14.18
N ASP B 364 -5.10 30.27 14.23
CA ASP B 364 -4.28 30.36 13.02
C ASP B 364 -3.72 29.02 12.58
N ARG B 365 -4.00 27.97 13.34
CA ARG B 365 -3.67 26.62 12.91
C ARG B 365 -4.94 25.81 12.69
N GLU B 366 -4.96 25.03 11.62
CA GLU B 366 -6.11 24.19 11.31
C GLU B 366 -5.69 22.80 10.85
N VAL B 367 -6.47 21.80 11.24
CA VAL B 367 -6.13 20.39 10.98
C VAL B 367 -7.35 19.65 10.44
N ASP B 368 -7.21 19.11 9.23
CA ASP B 368 -8.30 18.42 8.57
C ASP B 368 -8.48 16.98 9.12
N ILE B 369 -9.50 16.82 9.95
CA ILE B 369 -9.90 15.50 10.47
C ILE B 369 -11.06 15.00 9.62
N GLY B 370 -10.76 14.57 8.40
CA GLY B 370 -11.80 14.22 7.44
C GLY B 370 -12.33 12.80 7.53
N ILE B 371 -12.97 12.37 6.45
CA ILE B 371 -13.53 11.03 6.33
C ILE B 371 -12.39 10.01 6.16
N PRO B 372 -12.43 8.90 6.90
CA PRO B 372 -11.34 7.92 6.79
C PRO B 372 -11.40 7.09 5.50
N ASP B 373 -10.23 6.69 5.01
CA ASP B 373 -10.14 5.79 3.86
C ASP B 373 -10.22 4.35 4.36
N ALA B 374 -10.08 3.40 3.44
CA ALA B 374 -10.33 2.00 3.76
C ALA B 374 -9.43 1.53 4.89
N THR B 375 -8.15 1.89 4.82
CA THR B 375 -7.20 1.55 5.87
C THR B 375 -7.61 2.17 7.21
N GLY B 376 -8.03 3.44 7.17
CA GLY B 376 -8.50 4.15 8.35
C GLY B 376 -9.68 3.47 9.03
N ARG B 377 -10.64 3.04 8.21
CA ARG B 377 -11.83 2.34 8.68
C ARG B 377 -11.49 0.99 9.30
N LEU B 378 -10.51 0.31 8.72
CA LEU B 378 -10.07 -0.97 9.25
C LEU B 378 -9.57 -0.78 10.68
N GLU B 379 -8.67 0.19 10.85
CA GLU B 379 -8.11 0.52 12.16
C GLU B 379 -9.21 0.86 13.16
N ILE B 380 -10.19 1.66 12.71
CA ILE B 380 -11.31 2.05 13.58
C ILE B 380 -12.16 0.84 13.96
N LEU B 381 -12.41 -0.06 13.00
CA LEU B 381 -13.19 -1.27 13.28
C LEU B 381 -12.47 -2.19 14.25
N GLN B 382 -11.15 -2.24 14.15
CA GLN B 382 -10.35 -3.08 15.02
C GLN B 382 -10.35 -2.55 16.45
N ILE B 383 -10.33 -1.24 16.60
CA ILE B 383 -10.46 -0.60 17.90
C ILE B 383 -11.79 -0.94 18.55
N HIS B 384 -12.87 -0.89 17.78
CA HIS B 384 -14.22 -1.07 18.34
C HIS B 384 -14.71 -2.50 18.43
N THR B 385 -13.89 -3.44 17.95
CA THR B 385 -14.17 -4.86 18.13
C THR B 385 -13.22 -5.52 19.12
N LYS B 386 -12.23 -4.76 19.62
CA LYS B 386 -11.14 -5.34 20.43
C LYS B 386 -11.60 -6.05 21.73
N ASN B 387 -12.80 -5.73 22.19
CA ASN B 387 -13.37 -6.38 23.39
C ASN B 387 -14.33 -7.52 23.05
N MET B 388 -14.56 -7.74 21.76
CA MET B 388 -15.49 -8.77 21.30
C MET B 388 -14.76 -10.03 20.83
N LYS B 389 -15.40 -11.18 20.99
CA LYS B 389 -14.93 -12.39 20.33
C LYS B 389 -15.55 -12.40 18.94
N LEU B 390 -14.68 -12.42 17.93
CA LEU B 390 -15.12 -12.47 16.54
C LEU B 390 -14.92 -13.88 16.01
N ALA B 391 -15.96 -14.42 15.36
CA ALA B 391 -15.86 -15.72 14.71
C ALA B 391 -14.89 -15.64 13.52
N ASP B 392 -14.35 -16.78 13.12
CA ASP B 392 -13.34 -16.84 12.07
C ASP B 392 -13.82 -16.36 10.71
N ASP B 393 -15.13 -16.30 10.54
CA ASP B 393 -15.71 -15.83 9.29
C ASP B 393 -15.80 -14.29 9.24
N VAL B 394 -15.54 -13.65 10.38
CA VAL B 394 -15.53 -12.18 10.44
C VAL B 394 -14.31 -11.66 9.69
N ASP B 395 -14.58 -10.83 8.70
CA ASP B 395 -13.57 -10.29 7.80
C ASP B 395 -13.72 -8.78 7.85
N LEU B 396 -12.91 -8.14 8.69
CA LEU B 396 -13.05 -6.70 8.93
C LEU B 396 -12.61 -5.86 7.74
N GLU B 397 -11.72 -6.40 6.92
CA GLU B 397 -11.29 -5.73 5.69
C GLU B 397 -12.48 -5.60 4.74
N GLN B 398 -13.27 -6.67 4.66
CA GLN B 398 -14.48 -6.68 3.85
C GLN B 398 -15.48 -5.67 4.39
N VAL B 399 -15.61 -5.61 5.72
CA VAL B 399 -16.50 -4.63 6.35
C VAL B 399 -16.04 -3.23 6.02
N ALA B 400 -14.73 -3.00 6.08
CA ALA B 400 -14.14 -1.72 5.70
C ALA B 400 -14.41 -1.34 4.24
N ASN B 401 -14.28 -2.33 3.35
CA ASN B 401 -14.58 -2.11 1.93
C ASN B 401 -16.04 -1.75 1.70
N GLU B 402 -16.93 -2.29 2.53
CA GLU B 402 -18.37 -2.02 2.39
C GLU B 402 -18.86 -0.76 3.12
N THR B 403 -17.94 -0.01 3.74
CA THR B 403 -18.32 1.17 4.53
C THR B 403 -17.70 2.48 4.02
N HIS B 404 -17.42 2.55 2.72
CA HIS B 404 -16.98 3.80 2.13
C HIS B 404 -17.96 4.92 2.48
N GLY B 405 -17.43 6.05 2.96
CA GLY B 405 -18.28 7.14 3.38
C GLY B 405 -18.61 7.16 4.87
N HIS B 406 -18.44 6.02 5.56
CA HIS B 406 -18.64 5.95 7.02
C HIS B 406 -17.52 6.67 7.76
N VAL B 407 -17.88 7.41 8.81
CA VAL B 407 -16.90 7.99 9.69
C VAL B 407 -16.84 7.21 11.00
N GLY B 408 -15.85 7.52 11.84
CA GLY B 408 -15.65 6.86 13.13
C GLY B 408 -16.88 6.53 13.96
N ALA B 409 -17.81 7.47 14.09
CA ALA B 409 -19.04 7.21 14.87
C ALA B 409 -19.95 6.18 14.21
N ASP B 410 -20.05 6.22 12.88
CA ASP B 410 -20.81 5.24 12.11
C ASP B 410 -20.26 3.83 12.34
N LEU B 411 -18.93 3.71 12.40
CA LEU B 411 -18.29 2.41 12.54
C LEU B 411 -18.39 1.87 13.95
N ALA B 412 -18.28 2.74 14.94
CA ALA B 412 -18.50 2.35 16.33
C ALA B 412 -19.95 1.89 16.58
N ALA B 413 -20.90 2.60 16.00
CA ALA B 413 -22.31 2.20 16.06
C ALA B 413 -22.52 0.84 15.39
N LEU B 414 -21.92 0.68 14.21
CA LEU B 414 -22.00 -0.57 13.45
C LEU B 414 -21.57 -1.75 14.30
N CYS B 415 -20.46 -1.59 15.03
CA CYS B 415 -19.94 -2.65 15.90
C CYS B 415 -20.87 -2.94 17.08
N SER B 416 -21.46 -1.90 17.66
CA SER B 416 -22.48 -2.08 18.72
C SER B 416 -23.66 -2.86 18.18
N GLU B 417 -24.08 -2.52 16.97
CA GLU B 417 -25.25 -3.17 16.35
C GLU B 417 -24.99 -4.63 16.00
N ALA B 418 -23.81 -4.93 15.46
CA ALA B 418 -23.42 -6.32 15.20
C ALA B 418 -23.43 -7.14 16.49
N ALA B 419 -22.97 -6.53 17.58
CA ALA B 419 -22.90 -7.19 18.88
C ALA B 419 -24.28 -7.39 19.52
N LEU B 420 -25.12 -6.35 19.48
CA LEU B 420 -26.51 -6.45 19.93
C LEU B 420 -27.24 -7.57 19.19
N GLN B 421 -26.94 -7.71 17.90
CA GLN B 421 -27.52 -8.75 17.06
C GLN B 421 -27.13 -10.14 17.54
N ALA B 422 -25.85 -10.33 17.86
CA ALA B 422 -25.36 -11.61 18.40
C ALA B 422 -26.04 -11.97 19.73
N ILE B 423 -26.27 -10.98 20.58
CA ILE B 423 -26.93 -11.17 21.85
C ILE B 423 -28.41 -11.54 21.66
N ARG B 424 -29.08 -10.86 20.74
CA ARG B 424 -30.46 -11.20 20.36
C ARG B 424 -30.57 -12.62 19.80
N LYS B 425 -29.54 -13.09 19.10
CA LYS B 425 -29.54 -14.45 18.55
C LYS B 425 -29.42 -15.55 19.62
N LYS B 426 -28.97 -15.16 20.82
CA LYS B 426 -28.75 -16.11 21.91
C LYS B 426 -29.76 -16.03 23.05
N MET B 427 -29.68 -14.98 23.85
CA MET B 427 -30.50 -14.84 25.05
C MET B 427 -31.97 -14.58 24.70
N GLU B 433 -31.39 -10.02 29.22
CA GLU B 433 -32.60 -9.30 29.56
C GLU B 433 -32.44 -8.52 30.88
N ASP B 434 -31.71 -9.11 31.83
CA ASP B 434 -31.57 -8.56 33.19
C ASP B 434 -30.58 -7.39 33.25
N GLU B 435 -30.19 -7.04 34.48
CA GLU B 435 -29.12 -6.07 34.70
C GLU B 435 -27.80 -6.76 35.06
N THR B 436 -27.84 -8.09 35.14
CA THR B 436 -26.68 -8.93 35.47
C THR B 436 -26.51 -10.05 34.45
N ILE B 437 -25.27 -10.32 34.08
CA ILE B 437 -24.95 -11.45 33.20
C ILE B 437 -23.81 -12.28 33.80
N ASP B 438 -23.88 -13.61 33.60
CA ASP B 438 -22.81 -14.51 34.01
C ASP B 438 -21.64 -14.44 33.03
N ALA B 439 -20.44 -14.23 33.58
CA ALA B 439 -19.22 -14.04 32.77
C ALA B 439 -19.02 -15.11 31.70
N GLU B 440 -19.26 -16.37 32.05
CA GLU B 440 -19.03 -17.49 31.12
C GLU B 440 -20.03 -17.50 29.96
N VAL B 441 -21.26 -17.08 30.24
CA VAL B 441 -22.31 -16.97 29.22
C VAL B 441 -21.92 -15.87 28.23
N MET B 442 -21.70 -14.68 28.77
CA MET B 442 -21.28 -13.50 28.01
C MET B 442 -20.04 -13.75 27.16
N ASN B 443 -19.11 -14.54 27.70
CA ASN B 443 -17.86 -14.86 27.02
C ASN B 443 -18.02 -15.86 25.90
N SER B 444 -19.12 -16.63 25.90
CA SER B 444 -19.37 -17.63 24.87
C SER B 444 -19.87 -16.99 23.57
N LEU B 445 -20.23 -15.72 23.64
CA LEU B 445 -20.73 -14.95 22.50
C LEU B 445 -19.68 -14.70 21.43
N ALA B 446 -19.93 -15.24 20.24
CA ALA B 446 -19.12 -14.92 19.07
C ALA B 446 -19.96 -14.09 18.11
N VAL B 447 -19.49 -12.89 17.82
CA VAL B 447 -20.08 -12.07 16.79
C VAL B 447 -19.62 -12.61 15.43
N THR B 448 -20.58 -12.91 14.55
CA THR B 448 -20.30 -13.53 13.26
C THR B 448 -20.32 -12.51 12.14
N MET B 449 -19.88 -12.92 10.95
CA MET B 449 -19.93 -12.05 9.77
C MET B 449 -21.37 -11.68 9.42
N ASP B 450 -22.28 -12.64 9.63
CA ASP B 450 -23.72 -12.41 9.46
C ASP B 450 -24.24 -11.28 10.34
N ASP B 451 -23.69 -11.18 11.56
CA ASP B 451 -24.03 -10.10 12.48
C ASP B 451 -23.62 -8.74 11.94
N PHE B 452 -22.46 -8.70 11.29
CA PHE B 452 -21.97 -7.49 10.65
C PHE B 452 -22.78 -7.13 9.41
N ARG B 453 -23.04 -8.13 8.56
CA ARG B 453 -23.92 -7.97 7.38
C ARG B 453 -25.30 -7.46 7.78
N TRP B 454 -25.81 -7.95 8.91
CA TRP B 454 -27.03 -7.43 9.53
C TRP B 454 -26.90 -5.95 9.84
N ALA B 455 -25.86 -5.61 10.60
CA ALA B 455 -25.58 -4.23 10.99
C ALA B 455 -25.35 -3.35 9.77
N LEU B 456 -24.69 -3.91 8.75
CA LEU B 456 -24.47 -3.19 7.49
C LEU B 456 -25.78 -2.84 6.78
N SER B 457 -26.71 -3.80 6.74
CA SER B 457 -27.98 -3.58 6.04
C SER B 457 -28.83 -2.48 6.69
N GLN B 458 -28.58 -2.20 7.97
CA GLN B 458 -29.31 -1.16 8.69
C GLN B 458 -28.54 0.16 8.81
N SER B 459 -27.24 0.11 8.51
CA SER B 459 -26.36 1.26 8.68
C SER B 459 -26.73 2.40 7.73
N ASN B 460 -26.92 3.58 8.32
CA ASN B 460 -27.28 4.77 7.54
C ASN B 460 -26.64 6.04 8.15
N PRO B 461 -25.41 6.37 7.71
CA PRO B 461 -24.66 7.53 8.22
C PRO B 461 -25.41 8.86 8.09
N GLN B 473 -28.91 -1.57 24.86
CA GLN B 473 -30.23 -1.86 25.42
C GLN B 473 -30.12 -2.36 26.85
N VAL B 474 -29.44 -3.50 27.05
CA VAL B 474 -29.31 -4.13 28.37
C VAL B 474 -28.23 -3.49 29.25
N THR B 475 -28.49 -3.45 30.56
CA THR B 475 -27.66 -2.67 31.50
C THR B 475 -26.24 -3.19 31.65
N TRP B 476 -26.08 -4.50 31.59
CA TRP B 476 -24.79 -5.16 31.82
C TRP B 476 -23.81 -5.05 30.64
N GLU B 477 -24.23 -4.38 29.58
CA GLU B 477 -23.46 -4.30 28.35
C GLU B 477 -23.08 -2.87 28.03
N ASP B 478 -21.78 -2.58 28.06
CA ASP B 478 -21.29 -1.24 27.75
C ASP B 478 -20.62 -1.21 26.38
N ILE B 479 -21.25 -0.50 25.44
CA ILE B 479 -20.79 -0.42 24.04
C ILE B 479 -20.13 0.91 23.72
N GLY B 480 -19.05 0.84 22.93
CA GLY B 480 -18.31 2.03 22.52
C GLY B 480 -19.01 2.81 21.42
N VAL C 2 1.89 -38.19 -10.82
CA VAL C 2 0.98 -38.52 -11.97
C VAL C 2 1.75 -39.01 -13.20
N ASP C 3 1.06 -39.75 -14.07
CA ASP C 3 1.64 -40.18 -15.34
C ASP C 3 1.45 -39.09 -16.40
N ARG C 4 2.55 -38.74 -17.07
CA ARG C 4 2.59 -37.59 -17.96
C ARG C 4 1.90 -37.81 -19.30
N GLU C 5 1.76 -39.08 -19.68
CA GLU C 5 1.21 -39.47 -20.98
C GLU C 5 1.93 -38.75 -22.12
N PRO C 6 3.28 -38.87 -22.18
CA PRO C 6 4.07 -38.11 -23.16
C PRO C 6 3.62 -38.34 -24.61
N VAL C 7 3.46 -37.25 -25.36
CA VAL C 7 3.10 -37.29 -26.79
C VAL C 7 3.93 -36.26 -27.57
N VAL C 8 4.29 -36.61 -28.79
CA VAL C 8 5.02 -35.71 -29.69
C VAL C 8 4.20 -35.41 -30.95
N CYS C 9 4.17 -34.13 -31.33
CA CYS C 9 3.49 -33.70 -32.54
C CYS C 9 4.37 -32.75 -33.36
N HIS C 10 4.05 -32.64 -34.66
CA HIS C 10 4.80 -31.77 -35.57
C HIS C 10 3.86 -31.21 -36.64
N PRO C 11 3.95 -29.90 -36.92
CA PRO C 11 3.04 -29.26 -37.88
C PRO C 11 3.08 -29.84 -39.31
N ASP C 12 4.13 -30.58 -39.65
CA ASP C 12 4.19 -31.27 -40.95
C ASP C 12 3.42 -32.60 -40.97
N LEU C 13 2.78 -32.94 -39.85
CA LEU C 13 1.94 -34.13 -39.77
C LEU C 13 0.47 -33.78 -39.73
N GLU C 14 0.17 -32.48 -39.75
CA GLU C 14 -1.22 -32.01 -39.80
C GLU C 14 -1.90 -32.50 -41.07
N GLU C 15 -3.10 -33.06 -40.92
CA GLU C 15 -3.81 -33.68 -42.04
C GLU C 15 -5.10 -32.95 -42.43
N ARG C 16 -5.54 -32.02 -41.59
CA ARG C 16 -6.79 -31.29 -41.85
C ARG C 16 -6.61 -29.86 -42.34
N LEU C 17 -7.49 -29.47 -43.27
CA LEU C 17 -7.70 -28.08 -43.64
C LEU C 17 -9.16 -27.75 -43.33
N GLN C 18 -9.58 -28.11 -42.12
CA GLN C 18 -10.99 -28.05 -41.72
C GLN C 18 -11.55 -26.63 -41.67
N ALA C 19 -12.64 -26.41 -42.41
CA ALA C 19 -13.43 -25.16 -42.42
C ALA C 19 -12.63 -23.85 -42.52
N TRP C 20 -12.39 -23.41 -43.75
CA TRP C 20 -11.64 -22.19 -44.00
C TRP C 20 -12.50 -20.97 -44.35
N PRO C 21 -13.44 -21.12 -45.32
CA PRO C 21 -14.25 -19.96 -45.67
C PRO C 21 -15.13 -19.52 -44.49
N ALA C 22 -14.47 -18.95 -43.48
CA ALA C 22 -15.14 -18.44 -42.30
C ALA C 22 -15.39 -16.94 -42.47
N GLU C 23 -15.73 -16.54 -43.69
CA GLU C 23 -15.99 -15.14 -44.05
C GLU C 23 -16.95 -14.52 -43.04
N LEU C 24 -16.54 -13.40 -42.47
CA LEU C 24 -17.22 -12.79 -41.34
C LEU C 24 -17.97 -11.54 -41.79
N PRO C 25 -19.29 -11.48 -41.50
CA PRO C 25 -20.14 -10.36 -41.91
C PRO C 25 -19.67 -9.00 -41.40
N ASP C 26 -20.09 -7.93 -42.08
CA ASP C 26 -19.77 -6.55 -41.68
C ASP C 26 -20.35 -6.18 -40.31
N GLU C 27 -21.53 -6.70 -39.99
CA GLU C 27 -22.22 -6.36 -38.75
C GLU C 27 -21.64 -7.03 -37.49
N PHE C 28 -20.88 -8.10 -37.69
CA PHE C 28 -20.10 -8.75 -36.62
C PHE C 28 -19.21 -7.71 -35.91
N PHE C 29 -18.63 -6.80 -36.69
CA PHE C 29 -17.76 -5.75 -36.18
C PHE C 29 -18.53 -4.50 -35.79
N GLU C 30 -19.82 -4.45 -36.14
CA GLU C 30 -20.65 -3.29 -35.80
C GLU C 30 -21.02 -3.29 -34.32
N LEU C 31 -20.80 -2.16 -33.66
CA LEU C 31 -21.12 -2.04 -32.24
C LEU C 31 -22.60 -1.75 -32.00
N THR C 32 -23.21 -2.53 -31.12
CA THR C 32 -24.63 -2.38 -30.79
C THR C 32 -24.82 -1.49 -29.56
N VAL C 33 -26.08 -1.15 -29.29
CA VAL C 33 -26.44 -0.42 -28.06
C VAL C 33 -26.04 -1.25 -26.84
N ASP C 34 -26.18 -2.57 -26.97
CA ASP C 34 -25.75 -3.51 -25.94
C ASP C 34 -24.25 -3.39 -25.65
N ASP C 35 -23.46 -3.20 -26.72
CA ASP C 35 -22.01 -3.08 -26.62
C ASP C 35 -21.60 -1.80 -25.88
N VAL C 36 -22.20 -0.68 -26.31
CA VAL C 36 -21.94 0.63 -25.72
C VAL C 36 -22.31 0.69 -24.23
N ARG C 37 -23.48 0.18 -23.88
CA ARG C 37 -23.93 0.13 -22.49
C ARG C 37 -22.98 -0.70 -21.62
N ARG C 38 -22.48 -1.79 -22.18
CA ARG C 38 -21.58 -2.69 -21.47
C ARG C 38 -20.25 -2.02 -21.15
N ARG C 39 -19.78 -1.18 -22.08
CA ARG C 39 -18.55 -0.42 -21.93
C ARG C 39 -18.71 0.64 -20.83
N LEU C 40 -19.82 1.36 -20.87
CA LEU C 40 -20.13 2.40 -19.89
C LEU C 40 -20.17 1.83 -18.48
N ALA C 41 -20.81 0.67 -18.33
CA ALA C 41 -20.87 -0.03 -17.05
C ALA C 41 -19.47 -0.21 -16.48
N GLN C 42 -18.56 -0.72 -17.31
CA GLN C 42 -17.19 -0.99 -16.90
C GLN C 42 -16.46 0.30 -16.52
N LEU C 43 -16.70 1.36 -17.26
CA LEU C 43 -16.08 2.66 -16.98
C LEU C 43 -16.56 3.21 -15.63
N LYS C 44 -17.88 3.23 -15.44
CA LYS C 44 -18.51 3.58 -14.17
C LYS C 44 -17.94 2.74 -13.03
N SER C 45 -17.78 1.45 -13.30
CA SER C 45 -17.32 0.48 -12.32
C SER C 45 -15.87 0.75 -11.91
N GLU C 46 -15.07 1.18 -12.88
CA GLU C 46 -13.65 1.46 -12.69
C GLU C 46 -13.44 2.83 -12.05
N ARG C 47 -14.34 3.76 -12.35
CA ARG C 47 -14.34 5.07 -11.72
C ARG C 47 -14.66 4.96 -10.24
N LYS C 48 -15.70 4.20 -9.89
CA LYS C 48 -16.08 3.98 -8.50
C LYS C 48 -14.96 3.33 -7.69
N ARG C 49 -14.35 2.28 -8.24
CA ARG C 49 -13.28 1.55 -7.55
C ARG C 49 -12.06 2.42 -7.28
N LEU C 50 -11.71 3.28 -8.24
CA LEU C 50 -10.53 4.12 -8.08
C LEU C 50 -10.80 5.32 -7.17
N GLU C 51 -12.06 5.69 -7.04
CA GLU C 51 -12.45 6.74 -6.11
C GLU C 51 -12.47 6.23 -4.68
N GLU C 52 -13.05 5.07 -4.50
CA GLU C 52 -13.21 4.50 -3.16
C GLU C 52 -11.96 3.82 -2.66
N ALA C 53 -11.03 3.53 -3.57
CA ALA C 53 -9.76 2.87 -3.25
C ALA C 53 -9.88 1.76 -2.20
N PRO C 54 -10.66 0.70 -2.49
CA PRO C 54 -10.81 -0.34 -1.47
C PRO C 54 -9.55 -1.16 -1.29
N LEU C 55 -9.46 -1.87 -0.17
CA LEU C 55 -8.38 -2.83 0.07
C LEU C 55 -8.54 -4.07 -0.79
N VAL C 56 -7.43 -4.62 -1.24
CA VAL C 56 -7.41 -5.97 -1.79
C VAL C 56 -7.18 -6.86 -0.58
N THR C 57 -8.20 -7.63 -0.21
CA THR C 57 -8.21 -8.29 1.11
C THR C 57 -7.46 -9.62 1.12
N LYS C 58 -6.93 -9.98 2.29
CA LYS C 58 -6.30 -11.28 2.53
C LYS C 58 -7.21 -12.44 2.12
N ALA C 59 -8.48 -12.35 2.51
CA ALA C 59 -9.47 -13.40 2.20
C ALA C 59 -9.74 -13.52 0.71
N PHE C 60 -9.80 -12.38 0.00
CA PHE C 60 -9.96 -12.39 -1.46
C PHE C 60 -8.76 -13.04 -2.14
N ARG C 61 -7.54 -12.63 -1.76
CA ARG C 61 -6.32 -13.19 -2.33
C ARG C 61 -6.22 -14.69 -2.12
N GLU C 62 -6.60 -15.15 -0.93
CA GLU C 62 -6.56 -16.58 -0.62
C GLU C 62 -7.66 -17.36 -1.35
N ALA C 63 -8.78 -16.68 -1.62
CA ALA C 63 -9.91 -17.27 -2.32
C ALA C 63 -9.63 -17.50 -3.80
N GLN C 64 -8.84 -16.61 -4.40
CA GLN C 64 -8.49 -16.70 -5.82
C GLN C 64 -7.54 -17.86 -6.06
N ILE C 65 -6.50 -17.95 -5.22
CA ILE C 65 -5.52 -19.03 -5.29
C ILE C 65 -6.20 -20.39 -5.22
N LYS C 66 -7.05 -20.54 -4.20
CA LYS C 66 -7.75 -21.79 -3.93
C LYS C 66 -8.76 -22.11 -5.02
N GLU C 67 -9.41 -21.07 -5.53
CA GLU C 67 -10.44 -21.23 -6.56
C GLU C 67 -9.85 -21.63 -7.90
N LYS C 68 -8.61 -21.21 -8.16
CA LYS C 68 -7.91 -21.55 -9.40
C LYS C 68 -7.27 -22.93 -9.32
N LEU C 69 -6.79 -23.29 -8.13
CA LEU C 69 -6.18 -24.59 -7.90
C LEU C 69 -7.21 -25.73 -7.83
N GLU C 70 -8.48 -25.36 -7.64
CA GLU C 70 -9.59 -26.33 -7.69
C GLU C 70 -10.16 -26.45 -9.10
N ARG C 71 -10.19 -25.31 -9.80
CA ARG C 71 -10.69 -25.23 -11.17
C ARG C 71 -9.73 -25.93 -12.16
N TYR C 72 -8.43 -25.86 -11.89
CA TYR C 72 -7.43 -26.48 -12.77
C TYR C 72 -6.46 -27.39 -12.00
N PRO C 73 -6.93 -28.59 -11.61
CA PRO C 73 -6.04 -29.52 -10.90
C PRO C 73 -4.98 -30.15 -11.80
N LYS C 74 -5.21 -30.11 -13.11
CA LYS C 74 -4.26 -30.70 -14.07
C LYS C 74 -3.72 -29.71 -15.08
N VAL C 75 -2.43 -29.87 -15.38
CA VAL C 75 -1.71 -28.94 -16.25
C VAL C 75 -1.16 -29.65 -17.48
N ALA C 76 -1.41 -29.09 -18.65
CA ALA C 76 -0.80 -29.58 -19.88
C ALA C 76 0.27 -28.61 -20.36
N LEU C 77 1.48 -29.14 -20.54
CA LEU C 77 2.62 -28.34 -20.97
C LEU C 77 3.11 -28.81 -22.34
N ARG C 78 3.60 -27.86 -23.13
CA ARG C 78 4.17 -28.17 -24.42
C ARG C 78 5.55 -27.55 -24.54
N VAL C 79 6.56 -28.38 -24.81
CA VAL C 79 7.92 -27.90 -25.01
C VAL C 79 8.23 -27.94 -26.50
N LEU C 80 8.44 -26.76 -27.07
CA LEU C 80 8.65 -26.62 -28.50
C LEU C 80 10.14 -26.60 -28.78
N PHE C 81 10.56 -27.48 -29.67
CA PHE C 81 11.98 -27.65 -30.00
C PHE C 81 12.36 -26.78 -31.20
N PRO C 82 13.67 -26.42 -31.33
CA PRO C 82 14.16 -25.65 -32.47
C PRO C 82 13.81 -26.24 -33.85
N ASP C 83 13.61 -27.55 -33.91
CA ASP C 83 13.22 -28.21 -35.15
C ASP C 83 11.69 -28.31 -35.33
N ARG C 84 10.96 -27.56 -34.51
CA ARG C 84 9.49 -27.46 -34.56
C ARG C 84 8.72 -28.69 -34.02
N TYR C 85 9.42 -29.69 -33.52
CA TYR C 85 8.79 -30.78 -32.78
C TYR C 85 8.26 -30.28 -31.43
N VAL C 86 7.05 -30.69 -31.07
CA VAL C 86 6.49 -30.36 -29.77
C VAL C 86 6.38 -31.61 -28.91
N LEU C 87 6.94 -31.54 -27.69
CA LEU C 87 6.73 -32.59 -26.69
C LEU C 87 5.67 -32.16 -25.68
N GLN C 88 4.63 -32.99 -25.53
CA GLN C 88 3.49 -32.67 -24.69
C GLN C 88 3.43 -33.62 -23.50
N GLY C 89 3.06 -33.08 -22.34
CA GLY C 89 3.01 -33.87 -21.12
C GLY C 89 2.08 -33.26 -20.08
N PHE C 90 1.39 -34.13 -19.35
CA PHE C 90 0.47 -33.70 -18.31
C PHE C 90 1.19 -33.60 -16.97
N PHE C 91 0.78 -32.61 -16.17
CA PHE C 91 1.46 -32.27 -14.92
C PHE C 91 0.42 -31.85 -13.89
N ARG C 92 0.87 -31.66 -12.65
CA ARG C 92 0.06 -31.05 -11.61
C ARG C 92 0.60 -29.64 -11.28
N PRO C 93 -0.29 -28.71 -10.89
CA PRO C 93 0.12 -27.32 -10.73
C PRO C 93 1.16 -27.12 -9.64
N SER C 94 1.12 -27.97 -8.61
CA SER C 94 2.08 -27.91 -7.51
C SER C 94 3.47 -28.42 -7.90
N GLU C 95 3.58 -29.03 -9.07
CA GLU C 95 4.89 -29.51 -9.55
C GLU C 95 5.76 -28.35 -10.01
N THR C 96 7.04 -28.60 -10.16
CA THR C 96 7.99 -27.51 -10.37
C THR C 96 8.54 -27.45 -11.79
N VAL C 97 9.17 -26.32 -12.09
CA VAL C 97 9.97 -26.15 -13.30
C VAL C 97 11.05 -27.23 -13.38
N GLY C 98 11.60 -27.59 -12.22
CA GLY C 98 12.60 -28.66 -12.13
C GLY C 98 12.10 -29.98 -12.67
N ASP C 99 10.83 -30.27 -12.40
CA ASP C 99 10.18 -31.49 -12.90
C ASP C 99 10.03 -31.47 -14.41
N LEU C 100 9.62 -30.31 -14.95
CA LEU C 100 9.52 -30.10 -16.39
C LEU C 100 10.83 -30.43 -17.08
N ARG C 101 11.93 -29.89 -16.55
CA ARG C 101 13.27 -30.18 -17.09
C ARG C 101 13.58 -31.67 -17.07
N ASP C 102 13.13 -32.37 -16.03
CA ASP C 102 13.34 -33.80 -15.92
C ASP C 102 12.52 -34.57 -16.95
N PHE C 103 11.30 -34.10 -17.18
CA PHE C 103 10.45 -34.63 -18.23
C PHE C 103 11.15 -34.53 -19.59
N VAL C 104 11.70 -33.35 -19.88
CA VAL C 104 12.37 -33.12 -21.15
C VAL C 104 13.60 -34.01 -21.29
N ARG C 105 14.41 -34.06 -20.23
CA ARG C 105 15.68 -34.78 -20.22
C ARG C 105 15.50 -36.27 -20.52
N SER C 106 14.49 -36.86 -19.88
CA SER C 106 14.17 -38.28 -20.03
C SER C 106 13.61 -38.64 -21.41
N HIS C 107 13.40 -37.65 -22.27
CA HIS C 107 12.90 -37.89 -23.62
C HIS C 107 13.84 -37.34 -24.69
N LEU C 108 15.02 -36.92 -24.26
CA LEU C 108 16.04 -36.43 -25.20
C LEU C 108 16.85 -37.58 -25.78
N GLY C 109 17.25 -37.42 -27.03
CA GLY C 109 18.15 -38.37 -27.70
C GLY C 109 19.45 -38.54 -26.94
N ASN C 110 20.01 -37.41 -26.52
CA ASN C 110 21.21 -37.39 -25.69
C ASN C 110 20.91 -36.69 -24.36
N PRO C 111 20.79 -37.46 -23.26
CA PRO C 111 20.35 -36.91 -21.97
C PRO C 111 21.42 -36.11 -21.24
N GLU C 112 22.67 -36.19 -21.72
CA GLU C 112 23.78 -35.46 -21.10
C GLU C 112 23.97 -34.07 -21.71
N LEU C 113 23.13 -33.75 -22.69
CA LEU C 113 23.22 -32.49 -23.41
C LEU C 113 22.58 -31.36 -22.61
N SER C 114 23.22 -30.19 -22.65
CA SER C 114 22.78 -29.03 -21.87
C SER C 114 21.70 -28.24 -22.59
N PHE C 115 20.64 -27.89 -21.87
CA PHE C 115 19.53 -27.12 -22.45
C PHE C 115 18.94 -26.10 -21.48
N TYR C 116 18.25 -25.10 -22.02
CA TYR C 116 17.48 -24.17 -21.22
C TYR C 116 16.06 -24.05 -21.74
N LEU C 117 15.13 -23.89 -20.80
CA LEU C 117 13.74 -23.65 -21.11
C LEU C 117 13.40 -22.17 -20.93
N PHE C 118 12.57 -21.65 -21.82
CA PHE C 118 12.12 -20.26 -21.72
C PHE C 118 10.74 -20.00 -22.28
N ILE C 119 10.10 -18.95 -21.78
CA ILE C 119 8.90 -18.42 -22.39
C ILE C 119 9.24 -17.14 -23.15
N THR C 120 8.32 -16.73 -24.04
CA THR C 120 8.55 -15.62 -24.95
C THR C 120 7.21 -15.17 -25.54
N PRO C 121 7.10 -13.89 -25.95
CA PRO C 121 8.08 -12.81 -25.87
C PRO C 121 7.80 -11.81 -24.74
N PRO C 122 8.84 -11.08 -24.28
CA PRO C 122 10.24 -11.22 -24.70
C PRO C 122 10.84 -12.47 -24.04
N LYS C 123 12.02 -12.89 -24.51
CA LYS C 123 12.65 -14.10 -23.99
CA LYS C 123 12.66 -14.10 -23.99
C LYS C 123 12.87 -14.01 -22.48
N THR C 124 12.26 -14.96 -21.76
CA THR C 124 12.40 -15.06 -20.32
C THR C 124 12.77 -16.51 -19.98
N VAL C 125 14.02 -16.70 -19.57
CA VAL C 125 14.52 -18.02 -19.20
C VAL C 125 13.90 -18.46 -17.86
N LEU C 126 13.58 -19.75 -17.77
CA LEU C 126 13.10 -20.33 -16.52
C LEU C 126 14.28 -20.87 -15.70
N ASP C 127 14.87 -19.98 -14.90
CA ASP C 127 16.10 -20.27 -14.15
C ASP C 127 15.81 -20.92 -12.80
N ASP C 128 14.79 -20.41 -12.11
CA ASP C 128 14.42 -20.89 -10.77
C ASP C 128 13.76 -22.27 -10.83
N HIS C 129 14.59 -23.33 -10.79
CA HIS C 129 14.09 -24.69 -10.92
C HIS C 129 13.13 -25.10 -9.80
N THR C 130 13.21 -24.40 -8.67
CA THR C 130 12.37 -24.71 -7.50
C THR C 130 11.00 -24.04 -7.58
N GLN C 131 10.84 -23.11 -8.51
CA GLN C 131 9.55 -22.44 -8.74
C GLN C 131 8.53 -23.41 -9.32
N THR C 132 7.33 -23.39 -8.75
CA THR C 132 6.25 -24.24 -9.23
C THR C 132 5.65 -23.71 -10.51
N LEU C 133 4.95 -24.58 -11.23
CA LEU C 133 4.30 -24.21 -12.49
C LEU C 133 3.17 -23.20 -12.27
N PHE C 134 2.54 -23.24 -11.09
CA PHE C 134 1.53 -22.25 -10.72
C PHE C 134 2.17 -20.88 -10.52
N GLN C 135 3.29 -20.85 -9.81
CA GLN C 135 4.05 -19.62 -9.59
C GLN C 135 4.67 -19.10 -10.89
N ALA C 136 5.09 -20.01 -11.76
CA ALA C 136 5.71 -19.64 -13.03
C ALA C 136 4.68 -19.17 -14.05
N ASN C 137 3.41 -19.27 -13.67
CA ASN C 137 2.28 -19.04 -14.57
C ASN C 137 2.23 -19.95 -15.81
N LEU C 138 2.83 -21.14 -15.69
CA LEU C 138 2.76 -22.18 -16.72
C LEU C 138 1.58 -23.07 -16.45
N PHE C 139 0.38 -22.53 -16.68
CA PHE C 139 -0.83 -23.02 -16.02
C PHE C 139 -2.04 -22.27 -16.57
N PRO C 140 -3.15 -22.96 -16.86
CA PRO C 140 -3.41 -24.41 -16.86
C PRO C 140 -2.85 -25.14 -18.10
N ALA C 141 -2.74 -24.42 -19.23
CA ALA C 141 -2.05 -24.93 -20.41
C ALA C 141 -1.10 -23.87 -20.98
N ALA C 142 0.17 -24.23 -21.11
CA ALA C 142 1.22 -23.27 -21.47
C ALA C 142 2.25 -23.81 -22.45
N LEU C 143 2.71 -22.94 -23.34
CA LEU C 143 3.75 -23.25 -24.31
C LEU C 143 5.12 -22.80 -23.79
N VAL C 144 6.10 -23.71 -23.84
CA VAL C 144 7.46 -23.43 -23.42
C VAL C 144 8.35 -23.71 -24.63
N HIS C 145 9.38 -22.88 -24.83
CA HIS C 145 10.40 -23.12 -25.84
C HIS C 145 11.67 -23.74 -25.23
N LEU C 146 12.52 -24.27 -26.09
CA LEU C 146 13.78 -24.86 -25.68
C LEU C 146 14.92 -24.32 -26.55
N GLY C 147 16.05 -24.02 -25.92
CA GLY C 147 17.27 -23.67 -26.63
C GLY C 147 18.46 -24.39 -26.05
N ALA C 148 19.54 -24.43 -26.82
CA ALA C 148 20.79 -25.09 -26.41
C ALA C 148 22.01 -24.33 -26.93
N GLU C 149 23.14 -24.52 -26.25
CA GLU C 149 24.39 -23.80 -26.54
C GLU C 149 24.97 -24.09 -27.93
N GLU C 150 24.65 -25.25 -28.50
CA GLU C 150 25.03 -25.58 -29.88
C GLU C 150 23.89 -26.24 -30.64
N TYR C 155 17.05 -33.53 -31.36
CA TYR C 155 17.24 -33.56 -29.91
C TYR C 155 16.35 -34.58 -29.22
N LEU C 156 15.07 -34.62 -29.59
CA LEU C 156 14.14 -35.63 -29.05
C LEU C 156 14.53 -37.03 -29.52
N GLU C 157 14.39 -38.00 -28.61
CA GLU C 157 14.73 -39.40 -28.85
C GLU C 157 14.12 -39.91 -30.18
N PRO C 158 14.98 -40.43 -31.09
CA PRO C 158 14.59 -40.83 -32.46
C PRO C 158 13.45 -41.83 -32.56
N GLY C 159 13.33 -42.71 -31.57
CA GLY C 159 12.23 -43.67 -31.53
C GLY C 159 10.89 -43.00 -31.28
N LEU C 160 10.94 -41.87 -30.57
CA LEU C 160 9.74 -41.12 -30.21
C LEU C 160 9.20 -40.30 -31.38
N LEU C 161 10.10 -39.92 -32.29
CA LEU C 161 9.72 -39.14 -33.47
C LEU C 161 8.89 -39.97 -34.44
N GLU C 162 9.07 -41.29 -34.39
CA GLU C 162 8.40 -42.21 -35.30
C GLU C 162 6.94 -42.44 -34.90
N HIS C 163 6.58 -42.04 -33.68
CA HIS C 163 5.21 -42.14 -33.19
C HIS C 163 4.56 -40.75 -33.05
N ALA C 164 5.14 -39.77 -33.75
CA ALA C 164 4.65 -38.40 -33.70
C ALA C 164 3.27 -38.27 -34.34
N ILE C 165 2.42 -37.44 -33.76
CA ILE C 165 1.05 -37.28 -34.26
C ILE C 165 0.86 -35.87 -34.77
N SER C 166 -0.33 -35.58 -35.30
CA SER C 166 -0.61 -34.25 -35.76
C SER C 166 -0.92 -33.35 -34.56
N PRO C 167 -0.55 -32.06 -34.65
CA PRO C 167 -0.94 -31.07 -33.65
C PRO C 167 -2.43 -31.12 -33.30
N SER C 168 -3.30 -31.22 -34.30
CA SER C 168 -4.73 -31.21 -34.02
C SER C 168 -5.14 -32.45 -33.22
N ALA C 169 -4.46 -33.56 -33.45
CA ALA C 169 -4.68 -34.77 -32.66
C ALA C 169 -4.22 -34.57 -31.21
N ALA C 170 -3.10 -33.89 -31.04
CA ALA C 170 -2.57 -33.55 -29.72
C ALA C 170 -3.54 -32.68 -28.96
N ASP C 171 -4.13 -31.73 -29.66
CA ASP C 171 -5.13 -30.83 -29.09
C ASP C 171 -6.30 -31.59 -28.53
N VAL C 172 -6.80 -32.59 -29.26
CA VAL C 172 -7.98 -33.30 -28.78
C VAL C 172 -7.63 -34.15 -27.55
N LEU C 173 -6.41 -34.69 -27.50
CA LEU C 173 -5.94 -35.39 -26.31
C LEU C 173 -6.01 -34.48 -25.09
N VAL C 174 -5.56 -33.23 -25.25
CA VAL C 174 -5.56 -32.26 -24.15
C VAL C 174 -6.98 -31.98 -23.69
N ALA C 175 -7.86 -31.63 -24.63
CA ALA C 175 -9.25 -31.30 -24.31
C ALA C 175 -9.93 -32.41 -23.54
N ARG C 176 -9.64 -33.65 -23.92
CA ARG C 176 -10.22 -34.85 -23.30
C ARG C 176 -9.68 -35.09 -21.89
N TYR C 177 -8.43 -34.69 -21.66
CA TYR C 177 -7.80 -34.85 -20.36
C TYR C 177 -8.31 -33.79 -19.39
N MET C 178 -8.61 -32.62 -19.93
CA MET C 178 -9.06 -31.48 -19.14
C MET C 178 -10.56 -31.54 -18.85
N SER C 179 -11.28 -32.41 -19.58
CA SER C 179 -12.73 -32.63 -19.41
C SER C 179 -13.52 -31.34 -19.57
N ASN D 21 -23.03 -15.75 -26.58
CA ASN D 21 -23.32 -15.43 -28.00
C ASN D 21 -22.25 -16.06 -28.93
N ARG D 22 -21.50 -15.23 -29.66
CA ARG D 22 -20.41 -15.70 -30.52
C ARG D 22 -19.04 -15.49 -29.87
N PRO D 23 -18.39 -16.59 -29.45
CA PRO D 23 -17.22 -16.59 -28.56
C PRO D 23 -15.95 -15.95 -29.13
N ASN D 24 -15.91 -15.76 -30.46
CA ASN D 24 -14.77 -15.19 -31.16
C ASN D 24 -14.83 -13.67 -31.27
N ARG D 25 -15.91 -13.08 -30.76
CA ARG D 25 -16.11 -11.64 -30.82
C ARG D 25 -15.62 -10.99 -29.52
N LEU D 26 -14.58 -10.16 -29.61
CA LEU D 26 -13.98 -9.56 -28.43
C LEU D 26 -13.93 -8.04 -28.51
N ILE D 27 -13.73 -7.39 -27.36
CA ILE D 27 -13.71 -5.93 -27.28
C ILE D 27 -12.34 -5.43 -26.85
N VAL D 28 -11.80 -4.49 -27.63
CA VAL D 28 -10.46 -3.99 -27.41
C VAL D 28 -10.36 -3.20 -26.09
N ASP D 29 -9.39 -3.59 -25.27
CA ASP D 29 -9.17 -2.96 -23.97
C ASP D 29 -7.71 -2.59 -23.79
N GLU D 30 -7.42 -1.68 -22.85
CA GLU D 30 -6.03 -1.23 -22.65
C GLU D 30 -5.21 -2.38 -22.08
N ALA D 31 -3.93 -2.40 -22.41
CA ALA D 31 -3.04 -3.48 -22.03
C ALA D 31 -2.27 -3.18 -20.75
N ILE D 32 -1.97 -4.24 -20.00
CA ILE D 32 -0.98 -4.18 -18.93
C ILE D 32 0.42 -4.58 -19.46
N ASN D 33 0.45 -5.53 -20.41
CA ASN D 33 1.69 -5.97 -21.04
C ASN D 33 2.11 -5.04 -22.16
N GLU D 34 3.32 -4.52 -22.06
CA GLU D 34 3.81 -3.53 -22.99
C GLU D 34 4.42 -4.14 -24.27
N ASP D 35 4.61 -5.45 -24.29
CA ASP D 35 5.31 -6.10 -25.40
C ASP D 35 4.50 -6.07 -26.71
N ASN D 36 5.19 -5.72 -27.80
CA ASN D 36 4.60 -5.56 -29.14
C ASN D 36 3.74 -6.73 -29.63
N SER D 37 4.12 -7.95 -29.31
CA SER D 37 3.53 -9.14 -29.92
C SER D 37 2.45 -9.78 -29.05
N VAL D 38 2.18 -9.19 -27.89
CA VAL D 38 1.36 -9.84 -26.86
C VAL D 38 -0.05 -9.23 -26.74
N VAL D 39 -1.06 -10.10 -26.76
CA VAL D 39 -2.43 -9.77 -26.34
C VAL D 39 -2.80 -10.63 -25.14
N SER D 40 -3.78 -10.17 -24.35
CA SER D 40 -4.24 -10.92 -23.18
C SER D 40 -5.74 -11.18 -23.18
N LEU D 41 -6.11 -12.35 -22.68
CA LEU D 41 -7.52 -12.71 -22.51
C LEU D 41 -7.76 -13.29 -21.12
N SER D 42 -9.00 -13.23 -20.64
CA SER D 42 -9.39 -13.94 -19.42
C SER D 42 -9.17 -15.44 -19.60
N GLN D 43 -8.94 -16.14 -18.50
CA GLN D 43 -8.70 -17.58 -18.53
C GLN D 43 -9.92 -18.39 -19.01
N PRO D 44 -11.14 -17.99 -18.59
CA PRO D 44 -12.33 -18.65 -19.15
C PRO D 44 -12.46 -18.50 -20.67
N LYS D 45 -12.08 -17.35 -21.23
CA LYS D 45 -12.10 -17.17 -22.69
C LYS D 45 -11.08 -18.05 -23.39
N MET D 46 -9.90 -18.19 -22.78
CA MET D 46 -8.87 -19.07 -23.31
C MET D 46 -9.26 -20.54 -23.24
N ASP D 47 -9.94 -20.91 -22.15
CA ASP D 47 -10.50 -22.26 -22.01
C ASP D 47 -11.48 -22.52 -23.15
N GLU D 48 -12.39 -21.57 -23.35
CA GLU D 48 -13.42 -21.66 -24.38
C GLU D 48 -12.84 -21.80 -25.79
N LEU D 49 -11.77 -21.06 -26.06
CA LEU D 49 -11.13 -21.09 -27.38
C LEU D 49 -10.02 -22.14 -27.46
N GLN D 50 -9.85 -22.89 -26.37
CA GLN D 50 -8.82 -23.97 -26.29
C GLN D 50 -7.41 -23.46 -26.59
N LEU D 51 -7.09 -22.29 -26.06
CA LEU D 51 -5.82 -21.64 -26.30
C LEU D 51 -4.79 -21.93 -25.21
N PHE D 52 -3.61 -22.39 -25.61
CA PHE D 52 -2.47 -22.49 -24.71
C PHE D 52 -1.91 -21.10 -24.47
N ARG D 53 -1.40 -20.88 -23.26
CA ARG D 53 -0.71 -19.65 -22.95
C ARG D 53 0.60 -19.64 -23.73
N GLY D 54 0.85 -18.55 -24.46
CA GLY D 54 2.03 -18.45 -25.30
C GLY D 54 1.78 -18.85 -26.75
N ASP D 55 0.52 -19.14 -27.08
CA ASP D 55 0.17 -19.65 -28.40
C ASP D 55 -0.13 -18.51 -29.35
N THR D 56 -0.06 -18.81 -30.65
CA THR D 56 -0.32 -17.81 -31.69
C THR D 56 -1.81 -17.67 -32.00
N VAL D 57 -2.26 -16.42 -32.12
CA VAL D 57 -3.63 -16.12 -32.53
C VAL D 57 -3.61 -15.17 -33.71
N LEU D 58 -4.72 -15.15 -34.45
CA LEU D 58 -4.88 -14.26 -35.59
C LEU D 58 -6.04 -13.31 -35.30
N LEU D 59 -5.83 -12.02 -35.55
CA LEU D 59 -6.79 -11.00 -35.17
C LEU D 59 -7.19 -10.10 -36.34
N LYS D 60 -8.45 -9.68 -36.34
CA LYS D 60 -8.96 -8.74 -37.36
C LYS D 60 -9.88 -7.72 -36.72
N GLY D 61 -9.78 -6.48 -37.17
CA GLY D 61 -10.78 -5.45 -36.84
C GLY D 61 -11.71 -5.29 -38.02
N LYS D 62 -12.48 -4.21 -38.05
CA LYS D 62 -13.46 -4.00 -39.11
C LYS D 62 -12.83 -3.68 -40.48
N LYS D 63 -11.66 -3.06 -40.46
CA LYS D 63 -10.91 -2.76 -41.67
C LYS D 63 -10.26 -4.01 -42.26
N ARG D 64 -10.34 -5.12 -41.52
CA ARG D 64 -9.94 -6.46 -41.96
C ARG D 64 -8.44 -6.67 -42.10
N ARG D 65 -7.66 -5.63 -41.77
CA ARG D 65 -6.22 -5.77 -41.68
C ARG D 65 -5.92 -6.71 -40.52
N GLU D 66 -5.25 -7.83 -40.81
CA GLU D 66 -5.00 -8.82 -39.77
C GLU D 66 -3.66 -8.67 -39.06
N ALA D 67 -3.59 -9.20 -37.84
CA ALA D 67 -2.37 -9.24 -37.06
C ALA D 67 -2.20 -10.63 -36.47
N VAL D 68 -0.94 -11.02 -36.31
CA VAL D 68 -0.65 -12.27 -35.63
C VAL D 68 0.04 -11.90 -34.32
N CYS D 69 -0.49 -12.43 -33.22
CA CYS D 69 -0.03 -12.11 -31.88
C CYS D 69 0.09 -13.36 -31.03
N ILE D 70 0.87 -13.25 -29.95
CA ILE D 70 0.99 -14.29 -28.92
C ILE D 70 -0.02 -13.97 -27.83
N VAL D 71 -0.68 -14.99 -27.29
CA VAL D 71 -1.75 -14.78 -26.31
C VAL D 71 -1.35 -15.22 -24.91
N LEU D 72 -1.63 -14.36 -23.93
CA LEU D 72 -1.38 -14.66 -22.52
C LEU D 72 -2.67 -14.50 -21.75
N SER D 73 -2.74 -15.09 -20.56
CA SER D 73 -3.91 -14.94 -19.70
C SER D 73 -3.75 -13.73 -18.79
N ASP D 74 -4.87 -13.05 -18.56
CA ASP D 74 -4.92 -11.90 -17.65
C ASP D 74 -6.04 -12.09 -16.64
N ASP D 75 -5.73 -11.85 -15.37
CA ASP D 75 -6.64 -12.10 -14.26
C ASP D 75 -7.71 -11.04 -14.00
N THR D 76 -7.56 -9.88 -14.63
CA THR D 76 -8.44 -8.75 -14.31
C THR D 76 -9.55 -8.42 -15.33
N CYS D 77 -9.38 -8.83 -16.59
CA CYS D 77 -10.37 -8.46 -17.62
C CYS D 77 -11.56 -9.42 -17.65
N SER D 78 -12.71 -8.92 -18.10
CA SER D 78 -13.88 -9.77 -18.29
C SER D 78 -13.74 -10.61 -19.56
N ASP D 79 -14.64 -11.58 -19.72
CA ASP D 79 -14.49 -12.62 -20.74
C ASP D 79 -14.45 -12.10 -22.18
N GLU D 80 -15.20 -11.05 -22.47
CA GLU D 80 -15.30 -10.53 -23.83
C GLU D 80 -14.15 -9.59 -24.20
N LYS D 81 -13.23 -9.36 -23.26
CA LYS D 81 -12.19 -8.36 -23.47
C LYS D 81 -10.92 -8.95 -24.05
N ILE D 82 -10.27 -8.17 -24.92
CA ILE D 82 -8.92 -8.46 -25.37
C ILE D 82 -8.01 -7.29 -25.03
N ARG D 83 -7.03 -7.52 -24.15
CA ARG D 83 -6.12 -6.45 -23.78
C ARG D 83 -5.01 -6.39 -24.81
N MET D 84 -4.84 -5.21 -25.41
CA MET D 84 -3.77 -5.02 -26.39
C MET D 84 -3.20 -3.62 -26.29
N ASN D 85 -1.89 -3.51 -26.42
CA ASN D 85 -1.20 -2.23 -26.39
C ASN D 85 -1.39 -1.44 -27.69
N ARG D 86 -0.90 -0.21 -27.70
CA ARG D 86 -1.13 0.72 -28.80
C ARG D 86 -0.51 0.27 -30.12
N VAL D 87 0.64 -0.38 -30.07
CA VAL D 87 1.31 -0.93 -31.25
C VAL D 87 0.40 -1.91 -32.00
N VAL D 88 -0.27 -2.77 -31.24
CA VAL D 88 -1.18 -3.74 -31.82
C VAL D 88 -2.44 -3.05 -32.34
N ARG D 89 -2.95 -2.06 -31.60
CA ARG D 89 -4.17 -1.36 -31.99
C ARG D 89 -3.99 -0.63 -33.32
N ASN D 90 -2.84 0.04 -33.47
CA ASN D 90 -2.51 0.72 -34.72
C ASN D 90 -2.40 -0.22 -35.91
N ASN D 91 -1.74 -1.36 -35.69
CA ASN D 91 -1.62 -2.41 -36.69
C ASN D 91 -2.98 -2.95 -37.15
N LEU D 92 -3.89 -3.15 -36.20
CA LEU D 92 -5.27 -3.56 -36.51
C LEU D 92 -6.17 -2.36 -36.86
N ARG D 93 -5.61 -1.15 -36.79
CA ARG D 93 -6.35 0.12 -36.96
C ARG D 93 -7.63 0.19 -36.11
N VAL D 94 -7.55 -0.35 -34.89
CA VAL D 94 -8.69 -0.32 -33.97
C VAL D 94 -8.44 0.70 -32.87
N ARG D 95 -9.51 1.04 -32.15
CA ARG D 95 -9.41 1.89 -30.97
C ARG D 95 -10.08 1.20 -29.81
N LEU D 96 -9.80 1.66 -28.60
CA LEU D 96 -10.39 1.10 -27.39
C LEU D 96 -11.92 1.04 -27.50
N GLY D 97 -12.47 -0.15 -27.37
CA GLY D 97 -13.91 -0.36 -27.52
C GLY D 97 -14.34 -1.01 -28.82
N ASP D 98 -13.47 -1.01 -29.83
CA ASP D 98 -13.78 -1.60 -31.13
C ASP D 98 -13.85 -3.13 -31.04
N VAL D 99 -14.49 -3.74 -32.02
CA VAL D 99 -14.64 -5.19 -32.07
C VAL D 99 -13.47 -5.80 -32.85
N ILE D 100 -12.96 -6.92 -32.34
CA ILE D 100 -12.03 -7.72 -33.09
C ILE D 100 -12.55 -9.14 -33.12
N SER D 101 -12.16 -9.89 -34.15
CA SER D 101 -12.39 -11.32 -34.19
C SER D 101 -11.09 -12.02 -33.86
N ILE D 102 -11.21 -13.10 -33.09
CA ILE D 102 -10.06 -13.92 -32.75
C ILE D 102 -10.24 -15.32 -33.31
N GLN D 103 -9.21 -15.84 -33.95
CA GLN D 103 -9.19 -17.23 -34.35
C GLN D 103 -7.82 -17.81 -34.03
N PRO D 104 -7.77 -19.08 -33.58
CA PRO D 104 -6.49 -19.70 -33.34
C PRO D 104 -5.68 -19.74 -34.64
N CYS D 105 -4.39 -19.49 -34.52
CA CYS D 105 -3.50 -19.47 -35.67
C CYS D 105 -2.34 -20.42 -35.40
N PRO D 106 -2.59 -21.75 -35.50
CA PRO D 106 -1.50 -22.69 -35.21
C PRO D 106 -0.55 -22.80 -36.40
N ASP D 107 -1.06 -22.42 -37.58
CA ASP D 107 -0.37 -22.59 -38.84
C ASP D 107 0.54 -21.40 -39.16
N VAL D 108 1.57 -21.18 -38.35
CA VAL D 108 2.50 -20.09 -38.65
C VAL D 108 3.90 -20.62 -38.94
N LYS D 109 4.33 -20.38 -40.15
CA LYS D 109 5.60 -20.88 -40.61
C LYS D 109 6.77 -19.98 -40.18
N TYR D 110 7.93 -20.61 -39.99
CA TYR D 110 9.13 -19.89 -39.62
C TYR D 110 9.66 -19.20 -40.87
N GLY D 111 9.95 -17.91 -40.75
CA GLY D 111 10.38 -17.13 -41.89
C GLY D 111 11.69 -17.64 -42.48
N LYS D 112 11.77 -17.61 -43.81
CA LYS D 112 13.03 -17.85 -44.50
C LYS D 112 13.82 -16.56 -44.45
N ARG D 113 13.13 -15.46 -44.71
CA ARG D 113 13.72 -14.14 -44.76
C ARG D 113 12.65 -13.07 -44.52
N ILE D 114 13.07 -11.92 -44.02
CA ILE D 114 12.18 -10.78 -43.83
C ILE D 114 12.90 -9.49 -44.21
N HIS D 115 12.14 -8.45 -44.51
CA HIS D 115 12.71 -7.13 -44.75
C HIS D 115 12.04 -6.11 -43.86
N VAL D 116 12.84 -5.41 -43.06
CA VAL D 116 12.30 -4.33 -42.21
C VAL D 116 13.16 -3.06 -42.31
N LEU D 117 12.49 -1.92 -42.27
CA LEU D 117 13.14 -0.64 -42.41
C LEU D 117 12.58 0.38 -41.41
N PRO D 118 13.45 1.29 -40.92
CA PRO D 118 12.99 2.31 -39.99
C PRO D 118 12.09 3.33 -40.65
N ILE D 119 11.16 3.88 -39.87
CA ILE D 119 10.39 5.04 -40.29
C ILE D 119 11.31 6.26 -40.20
N ASP D 120 11.32 7.07 -41.26
CA ASP D 120 12.24 8.21 -41.38
C ASP D 120 12.26 9.15 -40.18
N ASP D 121 11.10 9.61 -39.73
CA ASP D 121 11.03 10.61 -38.66
C ASP D 121 11.34 10.08 -37.26
N THR D 122 11.64 8.79 -37.14
CA THR D 122 12.05 8.22 -35.86
C THR D 122 13.56 8.01 -35.83
N VAL D 123 14.19 8.10 -36.99
CA VAL D 123 15.61 7.74 -37.10
C VAL D 123 16.51 8.94 -37.49
N GLU D 124 15.90 10.13 -37.50
CA GLU D 124 16.61 11.39 -37.74
C GLU D 124 17.73 11.61 -36.73
N GLY D 125 18.93 11.90 -37.25
CA GLY D 125 20.09 12.16 -36.41
C GLY D 125 20.85 10.90 -36.06
N ILE D 126 20.29 9.74 -36.42
CA ILE D 126 20.95 8.46 -36.17
C ILE D 126 21.61 7.92 -37.43
N THR D 127 22.84 7.44 -37.27
CA THR D 127 23.52 6.68 -38.33
C THR D 127 24.12 5.40 -37.75
N GLY D 128 24.54 4.50 -38.63
CA GLY D 128 25.28 3.32 -38.22
C GLY D 128 24.46 2.05 -38.25
N ASN D 129 24.87 1.08 -37.44
CA ASN D 129 24.28 -0.24 -37.48
C ASN D 129 22.99 -0.35 -36.67
N LEU D 130 21.86 -0.10 -37.34
CA LEU D 130 20.54 -0.24 -36.73
C LEU D 130 20.22 -1.68 -36.36
N PHE D 131 20.68 -2.63 -37.17
CA PHE D 131 20.43 -4.04 -36.92
C PHE D 131 20.95 -4.50 -35.55
N GLU D 132 22.19 -4.12 -35.22
CA GLU D 132 22.83 -4.59 -34.00
C GLU D 132 22.26 -3.93 -32.74
N VAL D 133 21.87 -2.67 -32.86
CA VAL D 133 21.40 -1.90 -31.72
C VAL D 133 19.95 -2.22 -31.40
N TYR D 134 19.10 -2.22 -32.42
CA TYR D 134 17.67 -2.37 -32.21
C TYR D 134 17.15 -3.76 -32.55
N LEU D 135 17.31 -4.18 -33.80
CA LEU D 135 16.64 -5.37 -34.33
C LEU D 135 17.13 -6.70 -33.78
N LYS D 136 18.44 -6.92 -33.77
CA LYS D 136 18.99 -8.18 -33.31
C LYS D 136 18.53 -8.57 -31.91
N PRO D 137 18.69 -7.67 -30.90
CA PRO D 137 18.23 -8.03 -29.54
C PRO D 137 16.72 -8.17 -29.41
N TYR D 138 15.98 -7.40 -30.20
CA TYR D 138 14.52 -7.44 -30.17
C TYR D 138 13.98 -8.82 -30.60
N PHE D 139 14.53 -9.36 -31.67
CA PHE D 139 14.13 -10.67 -32.20
C PHE D 139 14.84 -11.86 -31.60
N LEU D 140 16.05 -11.66 -31.07
CA LEU D 140 16.91 -12.76 -30.63
C LEU D 140 16.20 -13.83 -29.78
N GLU D 141 15.97 -14.99 -30.39
CA GLU D 141 15.23 -16.12 -29.77
C GLU D 141 13.93 -15.72 -29.11
N ALA D 142 13.29 -14.68 -29.64
CA ALA D 142 12.00 -14.23 -29.14
C ALA D 142 10.84 -14.85 -29.93
N TYR D 143 11.15 -15.47 -31.06
CA TYR D 143 10.15 -16.16 -31.89
C TYR D 143 8.93 -15.30 -32.17
N ARG D 144 9.16 -14.06 -32.58
CA ARG D 144 8.09 -13.09 -32.73
C ARG D 144 7.31 -13.30 -34.03
N PRO D 145 5.97 -13.32 -33.92
CA PRO D 145 5.12 -13.36 -35.11
C PRO D 145 4.99 -11.99 -35.73
N ILE D 146 5.16 -11.92 -37.06
CA ILE D 146 5.11 -10.63 -37.76
C ILE D 146 4.37 -10.72 -39.09
N ARG D 147 3.82 -9.58 -39.52
CA ARG D 147 2.93 -9.50 -40.65
C ARG D 147 3.37 -8.34 -41.54
N LYS D 148 3.44 -8.57 -42.84
CA LYS D 148 3.81 -7.51 -43.80
C LYS D 148 2.93 -6.28 -43.59
N GLY D 149 3.56 -5.10 -43.48
CA GLY D 149 2.82 -3.88 -43.22
C GLY D 149 2.85 -3.47 -41.76
N ASP D 150 3.09 -4.44 -40.86
CA ASP D 150 3.22 -4.17 -39.43
C ASP D 150 4.20 -3.05 -39.16
N ILE D 151 3.83 -2.15 -38.26
CA ILE D 151 4.77 -1.20 -37.66
C ILE D 151 5.01 -1.63 -36.21
N PHE D 152 6.27 -1.69 -35.81
CA PHE D 152 6.59 -2.02 -34.43
C PHE D 152 7.65 -1.10 -33.84
N LEU D 153 7.80 -1.16 -32.51
CA LEU D 153 8.59 -0.20 -31.76
C LEU D 153 9.73 -0.87 -31.01
N VAL D 154 10.94 -0.40 -31.24
CA VAL D 154 12.11 -0.85 -30.47
C VAL D 154 12.73 0.34 -29.74
N ARG D 155 12.88 0.22 -28.42
CA ARG D 155 13.41 1.30 -27.60
C ARG D 155 14.91 1.09 -27.40
N GLY D 156 15.64 2.19 -27.22
CA GLY D 156 17.10 2.15 -27.07
C GLY D 156 17.81 3.44 -27.47
N GLY D 157 18.92 3.73 -26.79
CA GLY D 157 19.70 4.95 -27.04
C GLY D 157 18.91 6.23 -26.82
N MET D 158 18.17 6.28 -25.73
CA MET D 158 17.35 7.45 -25.37
C MET D 158 16.36 7.81 -26.48
N ARG D 159 15.95 6.78 -27.21
CA ARG D 159 15.11 6.94 -28.39
C ARG D 159 14.16 5.74 -28.54
N ALA D 160 13.05 5.98 -29.25
CA ALA D 160 12.14 4.93 -29.67
C ALA D 160 12.09 4.91 -31.20
N VAL D 161 12.65 3.86 -31.79
CA VAL D 161 12.63 3.71 -33.24
C VAL D 161 11.46 2.83 -33.68
N GLU D 162 10.74 3.31 -34.69
CA GLU D 162 9.67 2.54 -35.33
C GLU D 162 10.15 1.87 -36.61
N PHE D 163 9.81 0.60 -36.78
CA PHE D 163 10.20 -0.15 -37.97
C PHE D 163 8.97 -0.67 -38.70
N LYS D 164 9.07 -0.77 -40.01
CA LYS D 164 7.98 -1.35 -40.80
C LYS D 164 8.45 -2.64 -41.43
N VAL D 165 7.59 -3.66 -41.40
CA VAL D 165 7.87 -4.93 -42.06
C VAL D 165 7.50 -4.80 -43.54
N VAL D 166 8.53 -4.68 -44.39
CA VAL D 166 8.32 -4.39 -45.80
C VAL D 166 7.92 -5.65 -46.57
N GLU D 167 8.56 -6.77 -46.25
CA GLU D 167 8.28 -8.06 -46.88
C GLU D 167 8.49 -9.19 -45.87
N THR D 168 7.76 -10.29 -46.06
CA THR D 168 8.09 -11.55 -45.39
C THR D 168 8.07 -12.71 -46.38
N ASP D 169 8.84 -13.75 -46.06
CA ASP D 169 8.87 -14.98 -46.84
C ASP D 169 8.91 -16.15 -45.86
N PRO D 170 7.81 -16.90 -45.76
CA PRO D 170 6.60 -16.80 -46.58
C PRO D 170 5.67 -15.63 -46.21
N SER D 171 4.66 -15.41 -47.03
CA SER D 171 3.73 -14.29 -46.92
C SER D 171 2.42 -14.78 -46.31
N PRO D 172 1.61 -13.87 -45.75
CA PRO D 172 1.89 -12.47 -45.43
C PRO D 172 2.40 -12.31 -43.99
N TYR D 173 2.57 -13.44 -43.30
CA TYR D 173 3.10 -13.45 -41.94
C TYR D 173 3.94 -14.67 -41.70
N CYS D 174 4.83 -14.58 -40.71
CA CYS D 174 5.72 -15.66 -40.34
C CYS D 174 6.22 -15.45 -38.91
N ILE D 175 6.89 -16.46 -38.35
CA ILE D 175 7.61 -16.33 -37.10
C ILE D 175 9.05 -15.96 -37.42
N VAL D 176 9.59 -14.95 -36.73
CA VAL D 176 11.01 -14.63 -36.85
C VAL D 176 11.81 -15.59 -35.96
N ALA D 177 12.36 -16.61 -36.61
CA ALA D 177 13.08 -17.68 -35.93
C ALA D 177 14.58 -17.43 -36.04
N PRO D 178 15.39 -18.15 -35.23
CA PRO D 178 16.85 -18.01 -35.28
C PRO D 178 17.42 -18.14 -36.68
N ASP D 179 16.79 -18.98 -37.51
CA ASP D 179 17.26 -19.25 -38.87
C ASP D 179 16.81 -18.21 -39.88
N THR D 180 15.85 -17.37 -39.49
CA THR D 180 15.32 -16.34 -40.38
C THR D 180 16.40 -15.29 -40.64
N VAL D 181 16.72 -15.07 -41.92
CA VAL D 181 17.62 -13.97 -42.28
C VAL D 181 16.85 -12.66 -42.30
N ILE D 182 17.39 -11.68 -41.58
CA ILE D 182 16.77 -10.37 -41.43
C ILE D 182 17.51 -9.36 -42.29
N HIS D 183 16.89 -8.96 -43.39
CA HIS D 183 17.43 -7.91 -44.27
C HIS D 183 16.93 -6.54 -43.80
N CYS D 184 17.81 -5.55 -43.86
CA CYS D 184 17.42 -4.20 -43.46
C CYS D 184 18.28 -3.14 -44.12
N GLU D 185 18.66 -3.39 -45.36
CA GLU D 185 19.35 -2.37 -46.17
C GLU D 185 18.28 -1.64 -46.94
N GLY D 186 18.51 -0.36 -47.17
CA GLY D 186 17.56 0.48 -47.90
C GLY D 186 17.35 1.81 -47.22
N GLU D 187 16.53 2.64 -47.86
CA GLU D 187 16.22 3.97 -47.37
C GLU D 187 15.13 3.91 -46.31
N PRO D 188 15.27 4.73 -45.23
CA PRO D 188 14.19 4.93 -44.27
C PRO D 188 12.92 5.33 -44.98
N ILE D 189 11.81 4.68 -44.66
CA ILE D 189 10.58 4.86 -45.42
C ILE D 189 9.65 5.91 -44.82
N LYS D 190 8.89 6.57 -45.71
CA LYS D 190 7.96 7.61 -45.31
C LYS D 190 6.81 7.04 -44.52
N ARG D 191 6.40 7.79 -43.51
CA ARG D 191 5.17 7.53 -42.78
C ARG D 191 3.99 7.71 -43.74
N GLU D 192 2.99 6.85 -43.61
CA GLU D 192 1.73 6.98 -44.36
C GLU D 192 0.71 7.76 -43.52
N ASP D 193 -0.16 8.50 -44.21
CA ASP D 193 -1.18 9.32 -43.54
C ASP D 193 -2.20 8.51 -42.73
N GLU D 194 -2.56 7.33 -43.24
CA GLU D 194 -3.44 6.41 -42.53
C GLU D 194 -2.75 5.81 -41.30
N GLU D 195 -1.43 5.67 -41.38
CA GLU D 195 -0.62 5.15 -40.28
C GLU D 195 -0.45 6.20 -39.20
N GLU D 196 -1.16 6.00 -38.09
CA GLU D 196 -1.05 6.86 -36.92
C GLU D 196 0.36 6.79 -36.36
N SER D 197 0.97 7.95 -36.13
CA SER D 197 2.29 8.00 -35.52
C SER D 197 2.20 7.52 -34.07
N LEU D 198 3.14 6.68 -33.66
CA LEU D 198 3.23 6.24 -32.28
C LEU D 198 3.86 7.31 -31.39
N ASN D 199 4.29 8.40 -32.02
CA ASN D 199 4.77 9.57 -31.29
C ASN D 199 3.61 10.46 -30.83
N GLU D 200 2.40 10.19 -31.35
CA GLU D 200 1.19 10.87 -30.88
C GLU D 200 0.93 10.47 -29.43
N VAL D 201 0.47 11.43 -28.64
CA VAL D 201 0.19 11.21 -27.22
C VAL D 201 -0.96 10.22 -27.00
N GLY D 202 -0.73 9.22 -26.14
CA GLY D 202 -1.77 8.27 -25.74
C GLY D 202 -1.85 8.10 -24.23
N TYR D 203 -2.76 7.25 -23.78
CA TYR D 203 -2.90 6.94 -22.36
C TYR D 203 -1.63 6.40 -21.73
N ASP D 204 -0.86 5.62 -22.49
CA ASP D 204 0.37 5.02 -21.99
C ASP D 204 1.48 6.05 -21.77
N ASP D 205 1.22 7.31 -22.11
CA ASP D 205 2.16 8.40 -21.88
C ASP D 205 1.88 9.15 -20.57
N ILE D 206 0.80 8.77 -19.87
CA ILE D 206 0.35 9.46 -18.66
C ILE D 206 0.56 8.63 -17.38
N GLY D 207 1.22 9.21 -16.38
CA GLY D 207 1.39 8.52 -15.10
C GLY D 207 0.68 9.25 -13.97
N GLY D 208 0.31 8.50 -12.93
CA GLY D 208 -0.24 9.07 -11.69
C GLY D 208 -1.60 9.73 -11.78
N CYS D 209 -2.36 9.38 -12.83
CA CYS D 209 -3.70 9.94 -13.06
C CYS D 209 -4.72 8.86 -13.37
N ARG D 210 -4.47 7.66 -12.88
CA ARG D 210 -5.34 6.52 -13.17
C ARG D 210 -6.79 6.82 -12.79
N LYS D 211 -6.99 7.52 -11.67
CA LYS D 211 -8.33 7.93 -11.23
C LYS D 211 -8.96 8.94 -12.18
N GLN D 212 -8.22 10.01 -12.45
CA GLN D 212 -8.73 11.13 -13.24
C GLN D 212 -8.98 10.73 -14.69
N LEU D 213 -8.14 9.85 -15.22
CA LEU D 213 -8.37 9.27 -16.54
C LEU D 213 -9.71 8.56 -16.59
N ALA D 214 -9.94 7.67 -15.62
CA ALA D 214 -11.23 6.98 -15.50
C ALA D 214 -12.40 7.95 -15.43
N GLN D 215 -12.27 9.00 -14.60
CA GLN D 215 -13.32 10.02 -14.45
C GLN D 215 -13.61 10.73 -15.78
N ILE D 216 -12.55 11.00 -16.56
CA ILE D 216 -12.71 11.69 -17.84
C ILE D 216 -13.25 10.77 -18.94
N LYS D 217 -12.79 9.52 -18.97
CA LYS D 217 -13.28 8.55 -19.94
C LYS D 217 -14.80 8.35 -19.77
N GLU D 218 -15.22 8.11 -18.53
CA GLU D 218 -16.62 7.91 -18.18
C GLU D 218 -17.49 9.01 -18.78
N MET D 219 -16.97 10.23 -18.79
CA MET D 219 -17.72 11.38 -19.27
C MET D 219 -17.71 11.52 -20.79
N VAL D 220 -16.56 11.32 -21.43
CA VAL D 220 -16.39 11.70 -22.83
C VAL D 220 -16.16 10.60 -23.87
N GLU D 221 -15.69 9.43 -23.44
CA GLU D 221 -15.29 8.40 -24.41
C GLU D 221 -16.42 8.08 -25.38
N LEU D 222 -17.57 7.71 -24.85
CA LEU D 222 -18.70 7.28 -25.67
C LEU D 222 -19.30 8.38 -26.55
N PRO D 223 -19.60 9.58 -25.98
CA PRO D 223 -20.11 10.67 -26.83
C PRO D 223 -19.19 11.06 -27.99
N LEU D 224 -17.89 11.01 -27.77
CA LEU D 224 -16.91 11.32 -28.80
C LEU D 224 -16.71 10.16 -29.78
N ARG D 225 -16.80 8.94 -29.26
CA ARG D 225 -16.47 7.75 -30.02
C ARG D 225 -17.64 7.29 -30.89
N HIS D 226 -18.82 7.18 -30.26
CA HIS D 226 -20.04 6.79 -30.98
C HIS D 226 -21.18 7.77 -30.73
N PRO D 227 -21.15 8.93 -31.40
CA PRO D 227 -22.15 9.98 -31.20
C PRO D 227 -23.57 9.47 -31.43
N ALA D 228 -23.80 8.81 -32.56
CA ALA D 228 -25.11 8.27 -32.92
C ALA D 228 -25.63 7.29 -31.86
N LEU D 229 -24.81 6.31 -31.51
CA LEU D 229 -25.19 5.31 -30.50
C LEU D 229 -25.34 5.89 -29.11
N PHE D 230 -24.56 6.93 -28.80
CA PHE D 230 -24.63 7.55 -27.48
C PHE D 230 -25.97 8.24 -27.26
N LYS D 231 -26.40 9.05 -28.23
CA LYS D 231 -27.66 9.78 -28.11
C LYS D 231 -28.85 8.83 -28.02
N ALA D 232 -28.66 7.60 -28.50
CA ALA D 232 -29.71 6.58 -28.50
C ALA D 232 -29.99 6.02 -27.11
N ILE D 233 -29.01 6.11 -26.21
CA ILE D 233 -29.20 5.60 -24.86
C ILE D 233 -29.69 6.67 -23.87
N GLY D 234 -30.03 7.84 -24.42
CA GLY D 234 -30.78 8.84 -23.66
C GLY D 234 -29.99 9.82 -22.81
N VAL D 235 -28.90 9.35 -22.21
CA VAL D 235 -28.07 10.18 -21.32
C VAL D 235 -27.46 11.37 -22.05
N LYS D 236 -27.49 12.54 -21.41
CA LYS D 236 -26.98 13.78 -21.99
C LYS D 236 -25.46 13.88 -21.89
N PRO D 237 -24.79 14.39 -22.94
CA PRO D 237 -23.33 14.51 -22.92
C PRO D 237 -22.88 15.70 -22.08
N PRO D 238 -21.66 15.62 -21.51
CA PRO D 238 -21.12 16.78 -20.79
C PRO D 238 -20.86 17.94 -21.75
N ARG D 239 -21.25 19.13 -21.31
CA ARG D 239 -21.16 20.33 -22.14
C ARG D 239 -19.73 20.86 -22.14
N GLY D 240 -19.25 21.24 -20.96
CA GLY D 240 -17.88 21.71 -20.77
C GLY D 240 -17.24 21.07 -19.56
N ILE D 241 -15.95 20.77 -19.65
CA ILE D 241 -15.21 20.16 -18.55
C ILE D 241 -14.01 20.99 -18.14
N LEU D 242 -13.87 21.17 -16.83
CA LEU D 242 -12.82 22.00 -16.26
C LEU D 242 -11.75 21.15 -15.55
N LEU D 243 -10.53 21.16 -16.10
CA LEU D 243 -9.40 20.49 -15.47
C LEU D 243 -8.61 21.53 -14.69
N TYR D 244 -8.37 21.24 -13.42
CA TYR D 244 -7.65 22.21 -12.57
C TYR D 244 -6.51 21.63 -11.76
N GLY D 245 -5.57 22.50 -11.38
CA GLY D 245 -4.37 22.10 -10.67
C GLY D 245 -3.21 22.98 -11.10
N PRO D 246 -2.10 22.92 -10.35
CA PRO D 246 -0.95 23.76 -10.68
C PRO D 246 -0.39 23.45 -12.08
N PRO D 247 0.46 24.33 -12.63
CA PRO D 247 0.95 24.12 -13.98
C PRO D 247 1.84 22.87 -14.07
N GLY D 248 1.75 22.15 -15.19
CA GLY D 248 2.59 20.98 -15.44
C GLY D 248 2.16 19.65 -14.84
N THR D 249 0.91 19.57 -14.37
CA THR D 249 0.36 18.31 -13.84
C THR D 249 -0.19 17.39 -14.92
N GLY D 250 -0.30 17.90 -16.15
CA GLY D 250 -0.61 17.08 -17.31
C GLY D 250 -2.00 17.29 -17.89
N LYS D 251 -2.54 18.49 -17.67
CA LYS D 251 -3.87 18.84 -18.15
C LYS D 251 -3.95 18.84 -19.67
N THR D 252 -2.98 19.47 -20.34
CA THR D 252 -2.90 19.44 -21.80
C THR D 252 -2.71 18.00 -22.26
N LEU D 253 -1.76 17.31 -21.62
CA LEU D 253 -1.41 15.93 -21.93
C LEU D 253 -2.63 15.03 -21.90
N ILE D 254 -3.43 15.14 -20.84
CA ILE D 254 -4.62 14.31 -20.68
C ILE D 254 -5.63 14.55 -21.79
N ALA D 255 -5.98 15.82 -22.01
CA ALA D 255 -6.95 16.20 -23.05
C ALA D 255 -6.51 15.72 -24.44
N ARG D 256 -5.21 15.83 -24.71
CA ARG D 256 -4.61 15.37 -25.96
C ARG D 256 -4.76 13.85 -26.12
N ALA D 257 -4.45 13.11 -25.06
CA ALA D 257 -4.54 11.66 -25.07
C ALA D 257 -5.97 11.21 -25.31
N VAL D 258 -6.92 11.84 -24.63
CA VAL D 258 -8.34 11.52 -24.81
C VAL D 258 -8.79 11.76 -26.27
N ALA D 259 -8.35 12.86 -26.86
CA ALA D 259 -8.66 13.14 -28.26
C ALA D 259 -8.06 12.07 -29.17
N ASN D 260 -6.77 11.84 -29.02
CA ASN D 260 -6.08 10.84 -29.83
C ASN D 260 -6.65 9.44 -29.69
N GLU D 261 -6.95 9.02 -28.46
CA GLU D 261 -7.45 7.66 -28.22
C GLU D 261 -8.88 7.43 -28.68
N THR D 262 -9.66 8.51 -28.79
CA THR D 262 -11.06 8.42 -29.23
C THR D 262 -11.23 8.72 -30.72
N GLY D 263 -10.14 9.16 -31.35
CA GLY D 263 -10.18 9.52 -32.76
C GLY D 263 -10.64 10.94 -33.00
N ALA D 264 -11.05 11.61 -31.93
CA ALA D 264 -11.56 12.98 -31.99
C ALA D 264 -10.52 13.99 -32.44
N PHE D 265 -10.97 14.99 -33.18
CA PHE D 265 -10.10 16.09 -33.58
C PHE D 265 -9.78 16.95 -32.36
N PHE D 266 -8.58 17.53 -32.31
CA PHE D 266 -8.11 18.28 -31.14
C PHE D 266 -7.71 19.74 -31.48
N PHE D 267 -8.39 20.70 -30.86
CA PHE D 267 -8.06 22.13 -31.07
C PHE D 267 -7.62 22.82 -29.79
N LEU D 268 -6.36 23.26 -29.78
CA LEU D 268 -5.80 23.98 -28.63
C LEU D 268 -5.98 25.48 -28.78
N ILE D 269 -6.62 26.08 -27.78
CA ILE D 269 -6.70 27.53 -27.66
C ILE D 269 -5.83 27.99 -26.51
N ASN D 270 -4.84 28.81 -26.81
CA ASN D 270 -3.97 29.39 -25.80
C ASN D 270 -4.58 30.71 -25.32
N GLY D 271 -5.19 30.68 -24.13
CA GLY D 271 -5.85 31.85 -23.53
C GLY D 271 -5.07 33.16 -23.62
N PRO D 272 -3.88 33.22 -22.97
CA PRO D 272 -3.02 34.39 -22.99
C PRO D 272 -2.70 34.92 -24.40
N GLU D 273 -2.45 34.01 -25.34
CA GLU D 273 -2.15 34.38 -26.72
C GLU D 273 -3.32 35.09 -27.39
N ILE D 274 -4.52 34.53 -27.19
CA ILE D 274 -5.77 35.12 -27.70
C ILE D 274 -6.04 36.50 -27.12
N MET D 275 -5.72 36.71 -25.84
CA MET D 275 -5.94 38.00 -25.19
C MET D 275 -4.91 39.06 -25.58
N SER D 276 -3.94 38.68 -26.41
CA SER D 276 -2.92 39.61 -26.92
C SER D 276 -2.80 39.50 -28.44
N ALA D 279 -8.48 42.49 -28.34
CA ALA D 279 -9.62 43.24 -28.84
C ALA D 279 -9.69 43.22 -30.36
N GLY D 280 -10.81 42.74 -30.89
CA GLY D 280 -11.03 42.69 -32.33
C GLY D 280 -10.72 41.32 -32.90
N GLU D 281 -9.42 41.00 -32.99
CA GLU D 281 -8.96 39.74 -33.55
C GLU D 281 -9.19 38.54 -32.60
N SER D 282 -9.42 38.84 -31.32
CA SER D 282 -9.67 37.82 -30.30
C SER D 282 -10.93 37.00 -30.60
N GLU D 283 -12.05 37.70 -30.83
CA GLU D 283 -13.32 37.04 -31.10
C GLU D 283 -13.40 36.42 -32.50
N SER D 284 -12.52 36.88 -33.40
CA SER D 284 -12.36 36.26 -34.70
C SER D 284 -11.75 34.87 -34.53
N ASN D 285 -10.67 34.80 -33.76
CA ASN D 285 -10.02 33.53 -33.43
C ASN D 285 -10.95 32.56 -32.68
N LEU D 286 -11.69 33.07 -31.70
CA LEU D 286 -12.61 32.25 -30.91
C LEU D 286 -13.70 31.60 -31.76
N ARG D 287 -14.29 32.38 -32.67
CA ARG D 287 -15.38 31.90 -33.51
C ARG D 287 -14.87 30.84 -34.49
N LYS D 288 -13.73 31.13 -35.11
CA LYS D 288 -13.12 30.23 -36.09
C LYS D 288 -12.67 28.90 -35.47
N ALA D 289 -12.13 28.98 -34.25
CA ALA D 289 -11.74 27.80 -33.49
C ALA D 289 -12.92 26.85 -33.33
N PHE D 290 -14.07 27.42 -32.95
CA PHE D 290 -15.29 26.65 -32.76
C PHE D 290 -15.85 26.11 -34.06
N GLU D 291 -15.76 26.91 -35.12
CA GLU D 291 -16.24 26.51 -36.43
C GLU D 291 -15.38 25.39 -37.01
N GLU D 292 -14.07 25.46 -36.76
CA GLU D 292 -13.14 24.43 -37.22
C GLU D 292 -13.36 23.12 -36.48
N ALA D 293 -13.77 23.22 -35.22
CA ALA D 293 -14.03 22.04 -34.40
C ALA D 293 -15.20 21.21 -34.91
N GLU D 294 -16.35 21.87 -35.11
CA GLU D 294 -17.53 21.17 -35.63
C GLU D 294 -17.35 20.76 -37.09
N LYS D 295 -16.50 21.49 -37.80
CA LYS D 295 -16.07 21.14 -39.16
C LYS D 295 -15.41 19.75 -39.17
N ASN D 296 -14.63 19.46 -38.14
CA ASN D 296 -13.88 18.21 -38.04
C ASN D 296 -14.36 17.26 -36.94
N ALA D 297 -15.64 17.38 -36.59
CA ALA D 297 -16.24 16.59 -35.51
C ALA D 297 -16.21 15.09 -35.75
N PRO D 298 -16.16 14.28 -34.67
CA PRO D 298 -16.17 14.69 -33.25
C PRO D 298 -14.85 15.34 -32.82
N ALA D 299 -14.93 16.34 -31.95
CA ALA D 299 -13.75 17.09 -31.56
C ALA D 299 -13.70 17.52 -30.10
N ILE D 300 -12.48 17.72 -29.60
CA ILE D 300 -12.26 18.39 -28.32
C ILE D 300 -11.70 19.77 -28.59
N ILE D 301 -12.30 20.78 -27.95
CA ILE D 301 -11.73 22.13 -27.92
C ILE D 301 -11.08 22.31 -26.55
N PHE D 302 -9.79 22.62 -26.56
CA PHE D 302 -9.05 22.78 -25.33
C PHE D 302 -8.57 24.21 -25.13
N ILE D 303 -9.14 24.86 -24.12
CA ILE D 303 -8.77 26.22 -23.76
C ILE D 303 -7.77 26.17 -22.60
N ASP D 304 -6.50 26.42 -22.93
CA ASP D 304 -5.43 26.46 -21.95
C ASP D 304 -5.48 27.81 -21.23
N GLU D 305 -5.43 27.76 -19.89
CA GLU D 305 -5.52 28.95 -19.04
C GLU D 305 -6.77 29.77 -19.34
N LEU D 306 -7.93 29.25 -18.95
CA LEU D 306 -9.21 29.90 -19.20
C LEU D 306 -9.32 31.24 -18.49
N ASP D 307 -8.74 31.32 -17.29
CA ASP D 307 -8.75 32.53 -16.45
C ASP D 307 -8.20 33.76 -17.16
N ALA D 308 -7.24 33.56 -18.06
CA ALA D 308 -6.68 34.66 -18.84
C ALA D 308 -7.76 35.36 -19.68
N ILE D 309 -8.76 34.59 -20.13
CA ILE D 309 -9.86 35.12 -20.92
C ILE D 309 -10.99 35.63 -20.02
N ALA D 310 -11.44 34.80 -19.08
CA ALA D 310 -12.56 35.13 -18.22
C ALA D 310 -12.22 35.05 -16.73
N PRO D 311 -11.42 36.01 -16.23
CA PRO D 311 -11.05 35.96 -14.82
C PRO D 311 -12.22 36.37 -13.92
N LYS D 312 -12.15 35.99 -12.64
CA LYS D 312 -13.19 36.37 -11.70
C LYS D 312 -13.15 37.88 -11.47
N ARG D 313 -14.26 38.54 -11.79
CA ARG D 313 -14.39 39.98 -11.63
C ARG D 313 -14.98 40.35 -10.28
N GLU D 314 -14.43 41.40 -9.69
CA GLU D 314 -14.92 41.88 -8.40
C GLU D 314 -15.95 42.98 -8.59
N LYS D 315 -17.00 42.92 -7.77
CA LYS D 315 -18.11 43.89 -7.77
C LYS D 315 -18.70 44.16 -9.17
N THR D 316 -18.12 45.14 -9.87
CA THR D 316 -18.53 45.54 -11.23
C THR D 316 -20.04 45.35 -11.51
N HIS D 317 -20.86 46.18 -10.86
CA HIS D 317 -22.32 46.06 -10.89
C HIS D 317 -22.96 46.53 -12.18
N GLY D 318 -22.74 47.79 -12.54
CA GLY D 318 -23.25 48.34 -13.78
C GLY D 318 -22.20 48.30 -14.88
N GLU D 319 -21.25 47.38 -14.74
CA GLU D 319 -20.21 47.18 -15.75
C GLU D 319 -20.70 46.19 -16.80
N VAL D 320 -20.43 46.52 -18.06
CA VAL D 320 -20.80 45.67 -19.18
C VAL D 320 -19.88 44.45 -19.22
N GLU D 321 -20.46 43.29 -19.53
CA GLU D 321 -19.71 42.06 -19.72
C GLU D 321 -18.68 42.29 -20.84
N ARG D 322 -17.48 41.74 -20.65
CA ARG D 322 -16.41 41.85 -21.65
C ARG D 322 -16.87 41.22 -22.96
N ARG D 323 -16.48 41.84 -24.07
CA ARG D 323 -16.87 41.39 -25.41
C ARG D 323 -16.38 39.97 -25.70
N ILE D 324 -15.23 39.61 -25.11
CA ILE D 324 -14.64 38.29 -25.24
C ILE D 324 -15.45 37.23 -24.49
N VAL D 325 -15.71 37.49 -23.21
CA VAL D 325 -16.51 36.59 -22.37
C VAL D 325 -17.89 36.32 -22.98
N SER D 326 -18.47 37.34 -23.62
CA SER D 326 -19.77 37.20 -24.28
C SER D 326 -19.72 36.22 -25.46
N GLN D 327 -18.75 36.42 -26.36
CA GLN D 327 -18.54 35.53 -27.50
C GLN D 327 -18.41 34.08 -27.07
N LEU D 328 -17.66 33.85 -25.99
CA LEU D 328 -17.43 32.51 -25.47
C LEU D 328 -18.73 31.84 -25.01
N LEU D 329 -19.56 32.59 -24.28
CA LEU D 329 -20.85 32.07 -23.86
C LEU D 329 -21.78 31.79 -25.05
N THR D 330 -21.71 32.64 -26.07
CA THR D 330 -22.48 32.46 -27.30
C THR D 330 -22.07 31.19 -28.03
N LEU D 331 -20.76 31.01 -28.21
CA LEU D 331 -20.20 29.84 -28.89
C LEU D 331 -20.48 28.56 -28.12
N MET D 332 -20.39 28.62 -26.79
CA MET D 332 -20.63 27.47 -25.93
C MET D 332 -22.10 27.07 -25.83
N ASP D 333 -22.98 28.05 -25.66
CA ASP D 333 -24.42 27.80 -25.62
C ASP D 333 -24.94 27.43 -27.02
N GLY D 334 -24.22 27.87 -28.05
CA GLY D 334 -24.57 27.57 -29.44
C GLY D 334 -24.09 26.22 -29.94
N LEU D 335 -23.66 25.35 -29.03
CA LEU D 335 -23.27 23.99 -29.38
C LEU D 335 -24.25 22.98 -28.81
N LYS D 336 -25.09 22.43 -29.68
CA LYS D 336 -26.02 21.39 -29.27
C LYS D 336 -25.31 20.03 -29.36
N GLN D 337 -25.79 19.06 -28.60
CA GLN D 337 -25.29 17.69 -28.64
C GLN D 337 -25.00 17.19 -30.06
N ARG D 338 -25.81 17.68 -31.00
CA ARG D 338 -25.70 17.38 -32.43
C ARG D 338 -24.31 17.65 -33.03
N ALA D 339 -23.64 18.69 -32.53
CA ALA D 339 -22.36 19.15 -33.07
C ALA D 339 -21.17 18.19 -32.83
N HIS D 340 -21.31 17.29 -31.85
CA HIS D 340 -20.28 16.31 -31.49
C HIS D 340 -18.99 16.96 -30.95
N VAL D 341 -19.14 18.09 -30.26
CA VAL D 341 -18.00 18.79 -29.69
C VAL D 341 -18.07 18.82 -28.17
N ILE D 342 -16.93 18.56 -27.53
CA ILE D 342 -16.80 18.72 -26.09
C ILE D 342 -15.68 19.71 -25.80
N VAL D 343 -15.92 20.61 -24.85
CA VAL D 343 -14.99 21.69 -24.53
C VAL D 343 -14.29 21.45 -23.20
N MET D 344 -12.97 21.56 -23.21
CA MET D 344 -12.15 21.34 -22.03
C MET D 344 -11.30 22.57 -21.74
N ALA D 345 -11.21 22.93 -20.47
CA ALA D 345 -10.41 24.09 -20.08
C ALA D 345 -9.47 23.79 -18.93
N ALA D 346 -8.27 24.34 -19.01
CA ALA D 346 -7.30 24.24 -17.93
C ALA D 346 -7.29 25.53 -17.14
N THR D 347 -7.25 25.40 -15.81
CA THR D 347 -7.00 26.51 -14.91
C THR D 347 -6.33 25.98 -13.65
N ASN D 348 -5.72 26.88 -12.87
CA ASN D 348 -5.11 26.49 -11.60
C ASN D 348 -6.15 26.20 -10.51
N ARG D 349 -7.02 27.17 -10.28
CA ARG D 349 -8.11 27.04 -9.31
C ARG D 349 -9.41 27.41 -10.01
N PRO D 350 -10.48 26.62 -9.78
CA PRO D 350 -11.80 26.93 -10.37
C PRO D 350 -12.35 28.31 -9.94
N ASN D 351 -11.90 28.80 -8.78
CA ASN D 351 -12.33 30.09 -8.23
C ASN D 351 -11.78 31.30 -9.00
N SER D 352 -10.76 31.08 -9.81
CA SER D 352 -10.17 32.15 -10.61
C SER D 352 -10.99 32.43 -11.88
N ILE D 353 -12.04 31.62 -12.08
CA ILE D 353 -12.91 31.73 -13.25
C ILE D 353 -14.20 32.47 -12.91
N ASP D 354 -14.69 33.27 -13.86
CA ASP D 354 -16.01 33.89 -13.79
C ASP D 354 -17.09 32.82 -13.62
N PRO D 355 -17.99 33.01 -12.63
CA PRO D 355 -18.99 31.99 -12.27
C PRO D 355 -20.03 31.71 -13.36
N ALA D 356 -20.11 32.58 -14.36
CA ALA D 356 -21.04 32.39 -15.48
C ALA D 356 -20.67 31.16 -16.31
N LEU D 357 -19.38 30.87 -16.36
CA LEU D 357 -18.89 29.70 -17.08
C LEU D 357 -19.00 28.43 -16.25
N ARG D 358 -19.00 28.56 -14.93
CA ARG D 358 -19.01 27.41 -14.04
C ARG D 358 -20.40 26.88 -13.69
N ARG D 359 -21.42 27.45 -14.33
CA ARG D 359 -22.80 27.02 -14.08
C ARG D 359 -23.32 26.14 -15.21
N PHE D 360 -24.37 25.38 -14.90
CA PHE D 360 -24.85 24.28 -15.75
C PHE D 360 -25.04 24.67 -17.20
N GLY D 361 -24.74 23.73 -18.09
CA GLY D 361 -24.78 23.98 -19.53
C GLY D 361 -23.45 24.48 -20.06
N ARG D 362 -22.58 24.92 -19.15
CA ARG D 362 -21.22 25.31 -19.50
C ARG D 362 -20.21 24.36 -18.84
N PHE D 363 -19.23 24.91 -18.13
CA PHE D 363 -18.27 24.09 -17.39
C PHE D 363 -18.83 23.63 -16.06
N ASP D 364 -19.83 22.77 -16.15
CA ASP D 364 -20.54 22.26 -14.99
C ASP D 364 -19.84 21.03 -14.39
N ARG D 365 -18.91 20.46 -15.15
CA ARG D 365 -18.12 19.33 -14.67
C ARG D 365 -16.66 19.71 -14.47
N GLU D 366 -16.06 19.20 -13.41
CA GLU D 366 -14.67 19.50 -13.08
C GLU D 366 -13.92 18.29 -12.53
N VAL D 367 -12.64 18.20 -12.89
CA VAL D 367 -11.75 17.11 -12.48
C VAL D 367 -10.49 17.72 -11.90
N ASP D 368 -10.05 17.21 -10.76
CA ASP D 368 -8.80 17.68 -10.17
C ASP D 368 -7.60 16.88 -10.66
N ILE D 369 -6.73 17.54 -11.43
CA ILE D 369 -5.47 16.98 -11.86
C ILE D 369 -4.41 17.58 -10.96
N GLY D 370 -4.31 17.05 -9.75
CA GLY D 370 -3.46 17.65 -8.73
C GLY D 370 -2.06 17.08 -8.70
N ILE D 371 -1.30 17.54 -7.72
CA ILE D 371 0.06 17.07 -7.47
C ILE D 371 0.08 15.54 -7.24
N PRO D 372 0.93 14.81 -8.00
CA PRO D 372 1.06 13.35 -7.87
C PRO D 372 1.69 12.95 -6.54
N ASP D 373 1.34 11.75 -6.06
CA ASP D 373 1.98 11.19 -4.86
C ASP D 373 3.21 10.36 -5.24
N ALA D 374 3.75 9.63 -4.27
CA ALA D 374 5.00 8.90 -4.47
C ALA D 374 4.88 7.81 -5.54
N THR D 375 3.83 6.99 -5.44
CA THR D 375 3.47 6.02 -6.47
C THR D 375 3.28 6.71 -7.82
N GLY D 376 2.55 7.82 -7.82
CA GLY D 376 2.33 8.63 -9.01
C GLY D 376 3.63 9.06 -9.66
N ARG D 377 4.54 9.57 -8.83
CA ARG D 377 5.85 10.03 -9.29
C ARG D 377 6.69 8.93 -9.92
N LEU D 378 6.73 7.77 -9.27
CA LEU D 378 7.40 6.59 -9.81
C LEU D 378 6.89 6.24 -11.21
N GLU D 379 5.58 6.28 -11.39
CA GLU D 379 4.97 5.98 -12.68
C GLU D 379 5.39 6.98 -13.73
N ILE D 380 5.42 8.26 -13.36
CA ILE D 380 5.87 9.30 -14.27
C ILE D 380 7.35 9.13 -14.62
N LEU D 381 8.17 8.80 -13.62
CA LEU D 381 9.60 8.56 -13.84
C LEU D 381 9.83 7.36 -14.76
N GLN D 382 9.02 6.31 -14.61
CA GLN D 382 9.09 5.14 -15.49
C GLN D 382 8.73 5.48 -16.93
N ILE D 383 7.78 6.41 -17.12
CA ILE D 383 7.39 6.84 -18.45
C ILE D 383 8.52 7.62 -19.13
N HIS D 384 9.15 8.53 -18.39
CA HIS D 384 10.17 9.37 -18.99
C HIS D 384 11.58 8.78 -18.97
N THR D 385 11.72 7.55 -18.47
CA THR D 385 12.98 6.78 -18.62
C THR D 385 12.86 5.59 -19.59
N LYS D 386 11.68 5.38 -20.16
CA LYS D 386 11.40 4.28 -21.11
C LYS D 386 12.50 4.04 -22.14
N ASN D 387 13.06 5.13 -22.65
CA ASN D 387 13.99 5.06 -23.77
C ASN D 387 15.46 5.08 -23.37
N MET D 388 15.71 5.35 -22.09
CA MET D 388 17.07 5.39 -21.55
C MET D 388 17.49 4.00 -21.13
N LYS D 389 18.76 3.67 -21.35
CA LYS D 389 19.37 2.55 -20.65
C LYS D 389 19.77 3.03 -19.25
N LEU D 390 19.24 2.38 -18.23
CA LEU D 390 19.56 2.74 -16.85
C LEU D 390 20.51 1.71 -16.27
N ALA D 391 21.52 2.18 -15.54
CA ALA D 391 22.43 1.28 -14.83
C ALA D 391 21.67 0.61 -13.70
N ASP D 392 22.17 -0.55 -13.26
CA ASP D 392 21.54 -1.35 -12.21
C ASP D 392 21.34 -0.60 -10.90
N ASP D 393 22.19 0.40 -10.65
CA ASP D 393 22.14 1.16 -9.41
C ASP D 393 21.04 2.21 -9.39
N VAL D 394 20.43 2.47 -10.55
CA VAL D 394 19.35 3.45 -10.64
C VAL D 394 18.11 2.96 -9.89
N ASP D 395 17.70 3.76 -8.92
CA ASP D 395 16.65 3.40 -8.00
C ASP D 395 15.58 4.48 -8.11
N LEU D 396 14.63 4.25 -9.02
CA LEU D 396 13.60 5.23 -9.33
C LEU D 396 12.64 5.46 -8.16
N GLU D 397 12.50 4.45 -7.30
CA GLU D 397 11.70 4.58 -6.08
C GLU D 397 12.31 5.62 -5.13
N GLN D 398 13.64 5.58 -4.99
CA GLN D 398 14.39 6.58 -4.22
C GLN D 398 14.15 7.97 -4.81
N VAL D 399 14.22 8.05 -6.14
CA VAL D 399 13.98 9.30 -6.85
C VAL D 399 12.56 9.79 -6.61
N ALA D 400 11.58 8.88 -6.66
CA ALA D 400 10.21 9.25 -6.34
C ALA D 400 10.14 9.80 -4.92
N ASN D 401 10.74 9.09 -3.96
CA ASN D 401 10.76 9.51 -2.56
C ASN D 401 11.40 10.89 -2.33
N GLU D 402 12.39 11.24 -3.15
CA GLU D 402 13.10 12.52 -3.01
C GLU D 402 12.50 13.66 -3.83
N THR D 403 11.32 13.45 -4.40
CA THR D 403 10.70 14.46 -5.27
C THR D 403 9.32 14.89 -4.80
N HIS D 404 9.09 14.84 -3.49
CA HIS D 404 7.81 15.31 -2.94
C HIS D 404 7.49 16.75 -3.38
N GLY D 405 6.28 16.97 -3.86
CA GLY D 405 5.91 18.28 -4.37
C GLY D 405 6.08 18.44 -5.87
N HIS D 406 6.95 17.64 -6.48
CA HIS D 406 7.16 17.71 -7.94
C HIS D 406 5.92 17.34 -8.76
N VAL D 407 5.77 17.99 -9.90
CA VAL D 407 4.70 17.62 -10.85
C VAL D 407 5.31 16.91 -12.05
N GLY D 408 4.44 16.40 -12.91
CA GLY D 408 4.86 15.69 -14.12
C GLY D 408 5.95 16.39 -14.90
N ALA D 409 5.77 17.67 -15.17
CA ALA D 409 6.75 18.48 -15.91
C ALA D 409 8.11 18.60 -15.22
N ASP D 410 8.10 18.68 -13.89
CA ASP D 410 9.35 18.72 -13.12
C ASP D 410 10.10 17.41 -13.31
N LEU D 411 9.35 16.30 -13.28
CA LEU D 411 9.91 14.96 -13.36
C LEU D 411 10.50 14.67 -14.75
N ALA D 412 9.79 15.12 -15.79
CA ALA D 412 10.27 15.02 -17.17
C ALA D 412 11.59 15.77 -17.35
N ALA D 413 11.65 16.97 -16.80
CA ALA D 413 12.85 17.79 -16.84
C ALA D 413 14.01 17.12 -16.11
N LEU D 414 13.71 16.54 -14.95
CA LEU D 414 14.71 15.84 -14.14
C LEU D 414 15.36 14.71 -14.95
N CYS D 415 14.53 13.84 -15.51
CA CYS D 415 15.01 12.77 -16.37
C CYS D 415 15.87 13.31 -17.51
N SER D 416 15.43 14.41 -18.11
CA SER D 416 16.21 15.05 -19.18
C SER D 416 17.57 15.53 -18.67
N GLU D 417 17.60 16.11 -17.48
CA GLU D 417 18.86 16.56 -16.92
C GLU D 417 19.79 15.38 -16.65
N ALA D 418 19.24 14.30 -16.10
CA ALA D 418 20.03 13.08 -15.85
C ALA D 418 20.66 12.52 -17.13
N ALA D 419 19.89 12.50 -18.22
CA ALA D 419 20.39 12.05 -19.52
C ALA D 419 21.54 12.91 -20.03
N LEU D 420 21.38 14.23 -19.94
CA LEU D 420 22.41 15.18 -20.37
C LEU D 420 23.66 15.05 -19.53
N GLN D 421 23.48 14.84 -18.23
CA GLN D 421 24.61 14.59 -17.35
C GLN D 421 25.42 13.37 -17.80
N ALA D 422 24.72 12.31 -18.18
CA ALA D 422 25.37 11.11 -18.74
C ALA D 422 26.12 11.45 -20.02
N ILE D 423 25.53 12.29 -20.86
CA ILE D 423 26.16 12.69 -22.11
C ILE D 423 27.42 13.52 -21.82
N ARG D 424 27.30 14.50 -20.93
CA ARG D 424 28.42 15.35 -20.51
C ARG D 424 29.62 14.50 -20.10
N LYS D 425 29.37 13.48 -19.28
CA LYS D 425 30.40 12.58 -18.77
C LYS D 425 31.11 11.78 -19.84
N LYS D 426 30.49 11.64 -21.01
CA LYS D 426 31.03 10.79 -22.08
C LYS D 426 31.79 11.49 -23.22
N MET D 427 31.43 12.74 -23.52
CA MET D 427 32.07 13.46 -24.62
C MET D 427 33.49 13.89 -24.29
N LEU D 432 28.50 12.98 -29.76
CA LEU D 432 29.63 13.90 -29.56
C LEU D 432 29.59 15.09 -30.53
N GLU D 433 29.04 16.21 -30.05
CA GLU D 433 29.09 17.51 -30.74
C GLU D 433 28.13 17.68 -31.94
N ASP D 434 28.15 16.72 -32.86
CA ASP D 434 27.59 16.88 -34.21
C ASP D 434 26.07 16.90 -34.33
N GLU D 435 25.60 16.91 -35.58
CA GLU D 435 24.19 16.79 -35.92
C GLU D 435 23.82 15.32 -36.08
N THR D 436 24.83 14.46 -36.00
CA THR D 436 24.69 13.03 -36.21
C THR D 436 25.45 12.26 -35.15
N ILE D 437 24.86 11.14 -34.72
CA ILE D 437 25.55 10.20 -33.83
C ILE D 437 25.42 8.76 -34.34
N ASP D 438 26.45 7.95 -34.06
CA ASP D 438 26.41 6.53 -34.36
C ASP D 438 25.51 5.83 -33.35
N ALA D 439 24.68 4.92 -33.84
CA ALA D 439 23.69 4.19 -33.03
C ALA D 439 24.34 3.41 -31.90
N GLU D 440 25.43 2.72 -32.22
CA GLU D 440 26.16 1.93 -31.21
C GLU D 440 26.77 2.80 -30.11
N VAL D 441 27.27 3.97 -30.49
CA VAL D 441 27.76 4.96 -29.53
C VAL D 441 26.61 5.36 -28.60
N MET D 442 25.54 5.89 -29.19
CA MET D 442 24.34 6.33 -28.47
C MET D 442 23.76 5.25 -27.56
N ASN D 443 23.93 3.99 -27.97
CA ASN D 443 23.37 2.86 -27.25
C ASN D 443 24.19 2.45 -26.05
N SER D 444 25.48 2.81 -26.05
CA SER D 444 26.36 2.51 -24.93
C SER D 444 26.23 3.50 -23.78
N LEU D 445 25.28 4.43 -23.90
CA LEU D 445 25.07 5.43 -22.85
C LEU D 445 24.18 4.85 -21.74
N ALA D 446 24.80 4.58 -20.60
CA ALA D 446 24.06 4.19 -19.42
C ALA D 446 23.88 5.41 -18.51
N VAL D 447 22.65 5.64 -18.05
CA VAL D 447 22.36 6.71 -17.10
C VAL D 447 22.40 6.09 -15.71
N THR D 448 23.24 6.64 -14.84
CA THR D 448 23.52 6.04 -13.54
C THR D 448 22.81 6.80 -12.44
N MET D 449 22.89 6.28 -11.21
CA MET D 449 22.21 6.92 -10.08
C MET D 449 22.83 8.30 -9.80
N ASP D 450 24.14 8.38 -9.96
CA ASP D 450 24.85 9.65 -9.83
C ASP D 450 24.31 10.72 -10.80
N ASP D 451 23.92 10.32 -12.00
CA ASP D 451 23.27 11.23 -12.95
C ASP D 451 21.93 11.75 -12.43
N PHE D 452 21.18 10.90 -11.72
CA PHE D 452 19.92 11.32 -11.12
C PHE D 452 20.13 12.21 -9.90
N ARG D 453 21.15 11.89 -9.09
CA ARG D 453 21.56 12.76 -7.97
C ARG D 453 21.93 14.16 -8.47
N TRP D 454 22.64 14.23 -9.58
CA TRP D 454 22.93 15.52 -10.20
C TRP D 454 21.64 16.24 -10.54
N ALA D 455 20.77 15.58 -11.30
CA ALA D 455 19.51 16.14 -11.73
C ALA D 455 18.66 16.55 -10.51
N LEU D 456 18.69 15.72 -9.49
CA LEU D 456 17.99 15.99 -8.23
C LEU D 456 18.51 17.28 -7.58
N SER D 457 19.83 17.43 -7.55
CA SER D 457 20.47 18.62 -6.95
C SER D 457 20.15 19.89 -7.73
N GLN D 458 19.87 19.75 -9.03
CA GLN D 458 19.56 20.88 -9.93
C GLN D 458 18.08 21.15 -10.09
N SER D 459 17.23 20.29 -9.53
CA SER D 459 15.79 20.44 -9.68
C SER D 459 15.29 21.50 -8.71
N ASN D 460 14.57 22.47 -9.24
CA ASN D 460 14.07 23.57 -8.43
C ASN D 460 12.71 24.08 -8.91
N PRO D 461 11.65 23.27 -8.70
CA PRO D 461 10.29 23.65 -9.13
C PRO D 461 9.74 24.87 -8.39
N GLN D 473 19.85 20.40 -26.38
CA GLN D 473 21.05 20.92 -27.01
C GLN D 473 21.33 20.22 -28.35
N VAL D 474 21.85 18.99 -28.28
CA VAL D 474 22.32 18.27 -29.47
C VAL D 474 21.12 17.76 -30.28
N THR D 475 21.12 18.07 -31.57
CA THR D 475 19.97 17.82 -32.45
C THR D 475 19.60 16.35 -32.62
N TRP D 476 20.59 15.45 -32.54
CA TRP D 476 20.32 14.01 -32.63
C TRP D 476 19.63 13.44 -31.39
N GLU D 477 19.16 14.31 -30.50
CA GLU D 477 18.50 13.87 -29.28
C GLU D 477 17.27 14.69 -28.93
N ASP D 478 16.10 14.06 -29.00
CA ASP D 478 14.86 14.66 -28.54
C ASP D 478 14.49 14.06 -27.18
N ILE D 479 14.64 14.87 -26.13
CA ILE D 479 14.39 14.42 -24.75
C ILE D 479 12.96 14.71 -24.32
N GLY D 480 12.44 13.86 -23.42
CA GLY D 480 11.06 13.99 -22.92
C GLY D 480 10.93 15.07 -21.87
#